data_2XHE
#
_entry.id   2XHE
#
_cell.length_a   146.200
_cell.length_b   146.200
_cell.length_c   214.861
_cell.angle_alpha   90.00
_cell.angle_beta   90.00
_cell.angle_gamma   120.00
#
_symmetry.space_group_name_H-M   'P 65 2 2'
#
loop_
_entity.id
_entity.type
_entity.pdbx_description
1 polymer UNC18
2 polymer SYNTAXIN1
3 water water
#
loop_
_entity_poly.entity_id
_entity_poly.type
_entity_poly.pdbx_seq_one_letter_code
_entity_poly.pdbx_strand_id
1 'polypeptide(L)'
;HMSLKSAVKTVLTNSLRSVADGGDWKVLVVDKPALRMISECARMSEILDLGVTVVEDVSKQRKVLPQFHGVYFIEPTEEN
LDYVIRDFADRTPTYEAAHLFFLSPVPDALMAKLASAKAVKYVKTLKEINTLFIPKEHRVFTLNEPHGLVQYYGSRSSSY
NIDHLVRRLSTLCTTMNVAPIVRYSSTSTPGTERMAMQLQKEIDMSVSQGLINAREGKLKSQFLILDRAVDLKSPLVHEL
TYQAAAYDLLNIENDIYSYSTVDAGGREQQRQVVLGEDDDIWLQMRHLHISEVFRKVKSSFDEFCVSARRLQGLRDSQQG
EGGAGALKQMLKDLPQHREQMQKYSLHLDMSNAINMAFSSTIDSCTKAEQNIVTEEEQDGNKVRDFIGEVASVVVDRRVS
TEDKLRCLMLCVLAKNGTSSHELNNLLDNANIATPSRSAIYNLEMLGATVVADRRGRKPKTMKRIERDMPYVLSRWTPIV
KDLMEYIATGQLDLESYPAVRDGPSVVQPKRASKSVEEDDDGPATSARKRGNWAKNKGNNRSLPSTPSGVAVSGNGAAGA
AESAKPKLFVFINGTVSYNEIRCAYEVSQSSGYEVYIGAHNIATPAEFVELVSLLDKADQDVQVLTQGQGDGGLVITTGS
AQAGLNLAEV
;
A
2 'polypeptide(L)'
;MDRLSRLRQMAAENQPAEASDAAGGAEAQIEETSLSAQPEPFMADFFNRVKRIRDNIEDIEQAIEQVAQLHTESLVAVSK
EDRDRLNEKLQDTMARISALGNKIRADLKQIEKENKRAQQEGTFEDGTVSTDLRIRQSQHSSLSRKFVKVMTRYNDVQAE
NKRRYGENVARQCRVVEPSLSDDAIQKVIEHGTEGIFSGMRLEGAEAKLNEIRDRHKDIQQLERSLLELHEMFTDMSTLV
ASQGEMIDRIEFSVEQSHNYVKKATEQVVQARHYQESAR
;
B
#
# COMPACT_ATOMS: atom_id res chain seq x y z
N HIS A 1 8.65 9.39 -11.35
CA HIS A 1 9.09 8.38 -10.40
C HIS A 1 8.41 7.03 -10.61
N MET A 2 7.43 6.98 -11.50
CA MET A 2 6.60 5.77 -11.70
C MET A 2 5.52 5.54 -10.61
N SER A 3 5.92 5.24 -9.39
CA SER A 3 4.99 5.05 -8.28
C SER A 3 5.04 6.19 -7.28
N LEU A 4 3.84 6.64 -6.86
CA LEU A 4 3.68 7.75 -5.92
C LEU A 4 4.19 7.33 -4.57
N LYS A 5 4.10 6.05 -4.27
CA LYS A 5 4.68 5.53 -3.03
C LYS A 5 6.22 5.60 -3.08
N SER A 6 6.80 5.25 -4.23
CA SER A 6 8.25 5.38 -4.43
C SER A 6 8.62 6.85 -4.29
N ALA A 7 7.85 7.71 -4.93
CA ALA A 7 8.15 9.13 -4.94
C ALA A 7 8.15 9.71 -3.54
N VAL A 8 7.11 9.42 -2.77
CA VAL A 8 7.03 9.92 -1.40
C VAL A 8 8.11 9.31 -0.50
N LYS A 9 8.43 8.03 -0.67
CA LYS A 9 9.46 7.40 0.14
C LYS A 9 10.82 8.04 -0.13
N THR A 10 11.02 8.45 -1.39
CA THR A 10 12.26 9.07 -1.81
C THR A 10 12.52 10.41 -1.11
N VAL A 11 11.48 11.23 -0.97
CA VAL A 11 11.56 12.50 -0.25
C VAL A 11 11.88 12.28 1.23
N LEU A 12 11.30 11.22 1.79
CA LEU A 12 11.55 10.86 3.18
C LEU A 12 12.99 10.39 3.35
N THR A 13 13.48 9.63 2.39
CA THR A 13 14.81 9.07 2.46
C THR A 13 15.84 10.17 2.23
N ASN A 14 15.65 10.93 1.15
CA ASN A 14 16.51 12.05 0.84
C ASN A 14 16.56 13.07 1.97
N SER A 15 15.49 13.15 2.74
CA SER A 15 15.46 14.11 3.83
C SER A 15 16.15 13.54 5.05
N LEU A 16 15.92 12.27 5.31
CA LEU A 16 16.50 11.62 6.48
C LEU A 16 18.03 11.58 6.33
N ARG A 17 18.49 11.35 5.11
CA ARG A 17 19.91 11.27 4.83
C ARG A 17 20.58 12.63 4.63
N SER A 18 19.84 13.69 4.94
CA SER A 18 20.37 15.05 4.88
C SER A 18 20.52 15.57 6.29
N VAL A 19 19.96 14.83 7.23
CA VAL A 19 20.05 15.24 8.61
C VAL A 19 21.50 15.10 9.04
N ALA A 20 22.09 16.22 9.43
CA ALA A 20 23.48 16.23 9.84
C ALA A 20 23.54 16.09 11.34
N ASP A 21 23.55 14.83 11.80
CA ASP A 21 23.66 14.54 13.20
C ASP A 21 25.01 13.86 13.48
N GLY A 22 25.21 13.48 14.74
CA GLY A 22 26.20 12.49 15.12
C GLY A 22 25.48 11.17 14.97
N GLY A 23 26.19 10.15 14.49
CA GLY A 23 25.56 8.97 13.91
C GLY A 23 24.75 8.02 14.78
N ASP A 24 24.00 8.55 15.74
CA ASP A 24 23.17 7.73 16.61
C ASP A 24 21.78 7.56 15.96
N TRP A 25 20.91 6.78 16.59
CA TRP A 25 19.55 6.64 16.10
C TRP A 25 18.86 8.00 16.04
N LYS A 26 17.84 8.12 15.17
CA LYS A 26 17.02 9.33 15.10
C LYS A 26 15.61 9.07 15.63
N VAL A 27 14.96 10.13 16.12
CA VAL A 27 13.57 10.07 16.51
C VAL A 27 12.72 10.84 15.51
N LEU A 28 11.78 10.14 14.87
CA LEU A 28 10.95 10.75 13.86
C LEU A 28 9.67 11.29 14.51
N VAL A 29 9.65 12.60 14.76
CA VAL A 29 8.47 13.26 15.31
C VAL A 29 7.52 13.71 14.20
N VAL A 30 6.28 13.28 14.28
CA VAL A 30 5.43 13.33 13.10
C VAL A 30 4.03 13.88 13.40
N ASP A 31 3.44 14.53 12.39
CA ASP A 31 2.08 15.11 12.43
C ASP A 31 1.01 14.06 12.13
N LYS A 32 -0.27 14.42 12.25
CA LYS A 32 -1.34 13.53 11.79
C LYS A 32 -1.31 13.40 10.27
N PRO A 33 -1.25 14.53 9.55
CA PRO A 33 -1.09 14.47 8.09
C PRO A 33 0.22 13.81 7.70
N ALA A 34 1.27 14.02 8.47
CA ALA A 34 2.56 13.41 8.14
C ALA A 34 2.51 11.92 8.42
N LEU A 35 1.94 11.56 9.56
CA LEU A 35 1.77 10.16 9.93
C LEU A 35 1.11 9.38 8.80
N ARG A 36 0.04 9.94 8.25
CA ARG A 36 -0.77 9.23 7.27
C ARG A 36 0.02 9.01 5.99
N MET A 37 0.66 10.08 5.53
CA MET A 37 1.50 10.05 4.33
C MET A 37 2.70 9.08 4.46
N ILE A 38 3.42 9.16 5.56
CA ILE A 38 4.57 8.31 5.76
C ILE A 38 4.17 6.86 5.97
N SER A 39 3.05 6.65 6.66
CA SER A 39 2.60 5.29 6.98
C SER A 39 2.24 4.51 5.73
N GLU A 40 1.89 5.24 4.68
CA GLU A 40 1.39 4.63 3.46
C GLU A 40 2.51 4.38 2.46
N CYS A 41 3.70 4.89 2.75
CA CYS A 41 4.83 4.72 1.84
C CYS A 41 5.97 3.87 2.41
N ALA A 42 5.91 3.59 3.71
CA ALA A 42 6.98 2.88 4.40
C ALA A 42 6.51 2.03 5.57
N ARG A 43 6.97 0.79 5.66
CA ARG A 43 6.71 -0.05 6.83
C ARG A 43 7.59 0.41 7.99
N MET A 44 7.39 -0.14 9.20
CA MET A 44 8.27 0.16 10.34
C MET A 44 9.69 -0.39 10.12
N SER A 45 9.76 -1.58 9.55
CA SER A 45 11.02 -2.23 9.25
C SER A 45 11.87 -1.38 8.30
N GLU A 46 11.23 -0.64 7.40
CA GLU A 46 11.95 0.19 6.44
C GLU A 46 12.38 1.50 7.07
N ILE A 47 11.75 1.84 8.18
CA ILE A 47 12.04 3.08 8.90
C ILE A 47 13.20 2.80 9.87
N LEU A 48 13.21 1.59 10.41
CA LEU A 48 14.22 1.18 11.36
C LEU A 48 15.58 1.22 10.70
N ASP A 49 15.71 0.57 9.55
CA ASP A 49 17.02 0.57 8.92
C ASP A 49 17.17 1.75 7.97
N LEU A 50 16.60 2.86 8.40
CA LEU A 50 16.84 4.15 7.78
C LEU A 50 17.36 5.01 8.92
N GLY A 51 17.66 4.33 10.03
CA GLY A 51 18.20 4.98 11.20
C GLY A 51 17.28 5.71 12.16
N VAL A 52 15.96 5.59 12.00
CA VAL A 52 15.03 6.04 13.06
C VAL A 52 14.60 4.84 13.89
N THR A 53 14.58 5.02 15.21
CA THR A 53 14.27 3.95 16.16
C THR A 53 12.85 4.03 16.72
N VAL A 54 12.26 5.23 16.76
CA VAL A 54 10.86 5.38 17.11
C VAL A 54 10.21 6.40 16.21
N VAL A 55 8.89 6.28 16.09
CA VAL A 55 8.06 7.33 15.54
C VAL A 55 7.13 7.83 16.64
N GLU A 56 7.01 9.15 16.76
CA GLU A 56 6.25 9.75 17.85
C GLU A 56 5.24 10.74 17.30
N ASP A 57 4.17 11.00 18.06
CA ASP A 57 3.20 12.03 17.70
C ASP A 57 3.59 13.36 18.30
N VAL A 58 3.76 14.36 17.44
CA VAL A 58 4.18 15.69 17.87
C VAL A 58 3.43 16.18 19.12
N SER A 59 2.19 15.75 19.27
CA SER A 59 1.44 15.98 20.50
C SER A 59 1.81 14.93 21.56
N LYS A 60 1.84 15.34 22.82
CA LYS A 60 2.16 14.47 23.96
C LYS A 60 3.64 14.53 24.34
N GLN A 61 4.47 14.07 23.41
CA GLN A 61 5.91 13.99 23.62
C GLN A 61 6.34 13.69 25.04
N ARG A 62 6.07 12.48 25.51
CA ARG A 62 6.74 12.03 26.72
C ARG A 62 8.10 11.43 26.32
N LYS A 63 8.79 10.88 27.31
CA LYS A 63 10.13 10.31 27.14
C LYS A 63 11.10 11.24 26.43
N VAL A 64 11.92 11.91 27.23
CA VAL A 64 12.97 12.77 26.74
C VAL A 64 14.21 11.97 26.35
N LEU A 65 14.73 12.21 25.14
CA LEU A 65 15.82 11.42 24.59
C LEU A 65 16.94 12.29 24.02
N PRO A 66 17.79 12.86 24.90
CA PRO A 66 18.79 13.83 24.44
C PRO A 66 19.96 13.19 23.68
N GLN A 67 20.06 11.86 23.71
CA GLN A 67 21.11 11.14 23.00
C GLN A 67 20.85 11.09 21.49
N PHE A 68 19.59 11.29 21.11
CA PHE A 68 19.13 11.15 19.73
C PHE A 68 18.70 12.49 19.15
N HIS A 69 18.97 12.70 17.86
CA HIS A 69 18.40 13.84 17.15
C HIS A 69 16.92 13.65 16.77
N GLY A 70 16.10 14.65 17.09
CA GLY A 70 14.71 14.62 16.67
C GLY A 70 14.55 15.15 15.25
N VAL A 71 13.81 14.41 14.42
CA VAL A 71 13.46 14.89 13.10
C VAL A 71 11.94 15.08 13.00
N TYR A 72 11.50 16.28 12.64
CA TYR A 72 10.08 16.56 12.58
C TYR A 72 9.59 16.64 11.15
N PHE A 73 8.57 15.84 10.85
CA PHE A 73 7.77 16.04 9.65
C PHE A 73 6.43 16.57 10.12
N ILE A 74 6.09 17.77 9.67
CA ILE A 74 5.14 18.56 10.41
C ILE A 74 4.60 19.73 9.57
N GLU A 75 3.41 20.23 9.92
CA GLU A 75 2.77 21.28 9.15
C GLU A 75 3.10 22.65 9.72
N PRO A 76 3.20 23.66 8.84
CA PRO A 76 3.47 25.07 9.23
C PRO A 76 2.31 25.67 10.01
N THR A 77 1.99 25.09 11.17
CA THR A 77 0.82 25.51 11.93
C THR A 77 1.15 25.86 13.37
N GLU A 78 0.57 26.94 13.88
CA GLU A 78 0.83 27.36 15.26
C GLU A 78 0.81 26.18 16.24
N GLU A 79 -0.27 25.42 16.27
CA GLU A 79 -0.36 24.30 17.21
C GLU A 79 0.92 23.46 17.25
N ASN A 80 1.52 23.21 16.08
CA ASN A 80 2.77 22.44 15.98
C ASN A 80 3.99 23.17 16.54
N LEU A 81 4.21 24.42 16.12
CA LEU A 81 5.35 25.18 16.62
C LEU A 81 5.33 25.27 18.13
N ASP A 82 4.15 25.30 18.71
CA ASP A 82 4.02 25.35 20.16
C ASP A 82 4.54 24.05 20.77
N TYR A 83 4.32 22.93 20.09
CA TYR A 83 4.84 21.64 20.54
C TYR A 83 6.35 21.59 20.43
N VAL A 84 6.89 22.24 19.40
CA VAL A 84 8.33 22.30 19.20
C VAL A 84 9.01 23.22 20.22
N ILE A 85 8.59 24.50 20.28
CA ILE A 85 9.21 25.41 21.24
C ILE A 85 9.06 24.84 22.65
N ARG A 86 8.12 23.91 22.83
CA ARG A 86 7.86 23.33 24.15
C ARG A 86 8.77 22.14 24.48
N ASP A 87 9.10 21.33 23.47
CA ASP A 87 9.98 20.19 23.67
C ASP A 87 11.40 20.63 24.08
N PHE A 88 11.71 21.90 23.87
CA PHE A 88 13.03 22.41 24.21
C PHE A 88 12.99 23.40 25.38
N ALA A 89 12.35 24.55 25.16
CA ALA A 89 12.09 25.54 26.21
C ALA A 89 12.69 25.23 27.58
N ASP A 90 12.17 24.19 28.23
CA ASP A 90 12.56 23.82 29.59
C ASP A 90 14.08 23.57 29.77
N ARG A 91 14.48 23.35 31.02
CA ARG A 91 15.89 23.11 31.37
C ARG A 91 16.56 22.09 30.45
N THR A 92 16.13 20.83 30.55
CA THR A 92 16.66 19.76 29.72
C THR A 92 15.89 19.65 28.41
N PRO A 93 16.61 19.71 27.28
CA PRO A 93 16.02 19.60 25.95
C PRO A 93 15.49 18.19 25.70
N THR A 94 14.63 18.02 24.72
CA THR A 94 13.98 16.73 24.48
C THR A 94 14.74 15.85 23.50
N TYR A 95 15.46 16.47 22.57
CA TYR A 95 16.36 15.74 21.71
C TYR A 95 17.77 16.42 21.68
N GLU A 96 18.79 15.78 21.12
CA GLU A 96 20.10 16.42 20.98
C GLU A 96 19.95 17.68 20.14
N ALA A 97 18.98 17.64 19.22
CA ALA A 97 18.69 18.77 18.35
C ALA A 97 17.41 18.50 17.54
N ALA A 98 16.89 19.54 16.90
CA ALA A 98 15.69 19.41 16.09
C ALA A 98 15.99 19.64 14.61
N HIS A 99 15.48 18.75 13.77
CA HIS A 99 15.60 18.93 12.34
C HIS A 99 14.20 19.02 11.78
N LEU A 100 13.82 20.22 11.36
CA LEU A 100 12.43 20.52 11.04
C LEU A 100 12.17 20.52 9.55
N PHE A 101 11.37 19.56 9.10
CA PHE A 101 10.92 19.51 7.73
C PHE A 101 9.44 19.86 7.61
N PHE A 102 9.13 21.00 6.99
CA PHE A 102 7.75 21.44 6.87
C PHE A 102 7.06 20.93 5.60
N LEU A 103 5.80 20.51 5.77
CA LEU A 103 5.03 19.84 4.72
C LEU A 103 4.69 20.77 3.56
N SER A 104 4.44 22.03 3.86
CA SER A 104 4.43 23.08 2.84
C SER A 104 5.01 24.36 3.48
N PRO A 105 5.29 25.40 2.66
CA PRO A 105 5.88 26.66 3.12
C PRO A 105 5.35 27.24 4.44
N VAL A 106 6.28 27.71 5.28
CA VAL A 106 5.98 28.27 6.60
C VAL A 106 5.88 29.79 6.58
N PRO A 107 4.76 30.33 7.09
CA PRO A 107 4.52 31.78 7.15
C PRO A 107 5.57 32.49 7.99
N ASP A 108 5.70 33.80 7.81
CA ASP A 108 6.72 34.57 8.49
C ASP A 108 6.38 34.83 9.96
N ALA A 109 5.09 35.03 10.24
CA ALA A 109 4.64 35.30 11.59
C ALA A 109 5.04 34.15 12.52
N LEU A 110 4.99 32.93 11.98
CA LEU A 110 5.35 31.72 12.73
C LEU A 110 6.85 31.58 12.82
N MET A 111 7.54 31.84 11.71
CA MET A 111 8.99 31.81 11.67
C MET A 111 9.53 32.68 12.82
N ALA A 112 8.96 33.85 12.99
CA ALA A 112 9.36 34.75 14.08
C ALA A 112 9.15 34.11 15.45
N LYS A 113 7.96 33.54 15.68
CA LYS A 113 7.65 32.93 16.97
C LYS A 113 8.70 31.92 17.40
N LEU A 114 9.26 31.21 16.41
CA LEU A 114 10.29 30.21 16.66
C LEU A 114 11.62 30.88 16.97
N ALA A 115 11.92 31.96 16.25
CA ALA A 115 13.18 32.68 16.40
C ALA A 115 13.35 33.30 17.80
N SER A 116 12.24 33.70 18.42
CA SER A 116 12.29 34.35 19.72
C SER A 116 12.40 33.36 20.88
N ALA A 117 11.82 32.18 20.71
CA ALA A 117 11.84 31.14 21.75
C ALA A 117 13.21 30.46 21.81
N LYS A 118 13.51 29.86 22.96
CA LYS A 118 14.79 29.18 23.17
C LYS A 118 15.11 28.21 22.03
N ALA A 119 14.10 27.48 21.58
CA ALA A 119 14.29 26.42 20.59
C ALA A 119 15.25 26.79 19.44
N VAL A 120 15.36 28.08 19.14
CA VAL A 120 16.14 28.51 17.99
C VAL A 120 17.56 27.94 17.97
N LYS A 121 18.18 27.87 19.15
CA LYS A 121 19.56 27.41 19.27
C LYS A 121 19.74 25.95 18.85
N TYR A 122 18.67 25.16 19.00
CA TYR A 122 18.69 23.72 18.76
C TYR A 122 18.33 23.33 17.32
N VAL A 123 17.70 24.23 16.57
CA VAL A 123 17.24 23.86 15.24
C VAL A 123 18.39 23.88 14.21
N LYS A 124 18.83 22.69 13.84
CA LYS A 124 19.81 22.47 12.78
C LYS A 124 19.05 22.00 11.56
N THR A 125 19.27 22.61 10.41
CA THR A 125 18.45 22.33 9.22
C THR A 125 16.95 22.67 9.37
N LEU A 126 16.37 23.26 8.33
CA LEU A 126 14.95 23.59 8.29
C LEU A 126 14.53 23.78 6.83
N LYS A 127 13.82 22.80 6.28
CA LYS A 127 13.43 22.83 4.86
C LYS A 127 11.91 22.77 4.66
N GLU A 128 11.51 22.94 3.39
CA GLU A 128 10.11 22.85 2.99
C GLU A 128 9.96 21.76 1.92
N ILE A 129 9.51 20.59 2.35
CA ILE A 129 9.45 19.38 1.54
C ILE A 129 8.48 19.40 0.34
N ASN A 130 7.38 20.15 0.45
CA ASN A 130 6.39 20.25 -0.63
C ASN A 130 5.67 18.96 -1.00
N THR A 131 5.27 18.21 0.02
CA THR A 131 4.52 16.99 -0.18
C THR A 131 3.47 16.84 0.92
N LEU A 132 2.21 17.04 0.57
CA LEU A 132 1.13 16.77 1.51
C LEU A 132 -0.09 16.18 0.80
N PHE A 133 0.12 14.99 0.25
CA PHE A 133 -0.90 14.22 -0.40
C PHE A 133 -0.63 12.76 -0.03
N ILE A 134 -1.67 11.99 0.27
CA ILE A 134 -1.50 10.59 0.68
C ILE A 134 -1.27 9.68 -0.51
N PRO A 135 -0.16 8.95 -0.52
CA PRO A 135 0.02 7.99 -1.62
C PRO A 135 -0.62 6.64 -1.27
N LYS A 136 -1.91 6.46 -1.61
CA LYS A 136 -2.71 5.28 -1.23
C LYS A 136 -2.26 4.04 -2.00
N GLU A 137 -2.02 4.23 -3.29
CA GLU A 137 -1.57 3.17 -4.17
C GLU A 137 -0.53 3.73 -5.13
N HIS A 138 0.24 2.86 -5.75
CA HIS A 138 1.14 3.29 -6.80
C HIS A 138 0.51 4.37 -7.71
N ARG A 139 -0.74 4.19 -8.11
CA ARG A 139 -1.37 5.11 -9.05
C ARG A 139 -2.51 5.94 -8.46
N VAL A 140 -2.72 5.82 -7.15
CA VAL A 140 -3.83 6.54 -6.52
C VAL A 140 -3.35 7.45 -5.40
N PHE A 141 -3.69 8.74 -5.53
CA PHE A 141 -3.42 9.70 -4.49
C PHE A 141 -4.70 10.19 -3.84
N THR A 142 -4.59 10.59 -2.58
CA THR A 142 -5.73 10.84 -1.74
C THR A 142 -5.42 12.01 -0.81
N LEU A 143 -6.45 12.71 -0.34
CA LEU A 143 -6.24 13.90 0.48
C LEU A 143 -6.62 13.65 1.93
N ASN A 144 -6.98 12.42 2.23
CA ASN A 144 -7.31 12.00 3.59
C ASN A 144 -8.51 12.72 4.17
N GLU A 145 -9.30 13.32 3.29
CA GLU A 145 -10.53 14.01 3.65
C GLU A 145 -11.70 13.09 3.34
N PRO A 146 -12.23 12.37 4.35
CA PRO A 146 -13.26 11.36 4.08
C PRO A 146 -14.63 11.98 3.82
N HIS A 147 -14.77 13.26 4.15
CA HIS A 147 -16.03 13.96 3.93
C HIS A 147 -15.86 15.03 2.85
N GLY A 148 -14.80 14.89 2.05
CA GLY A 148 -14.52 15.82 0.98
C GLY A 148 -15.75 16.18 0.15
N LEU A 149 -16.47 15.16 -0.31
CA LEU A 149 -17.68 15.33 -1.10
C LEU A 149 -18.65 16.32 -0.45
N VAL A 150 -18.87 16.15 0.85
CA VAL A 150 -19.75 17.06 1.57
C VAL A 150 -19.18 18.49 1.69
N GLN A 151 -17.95 18.61 2.17
CA GLN A 151 -17.32 19.90 2.35
C GLN A 151 -17.29 20.72 1.04
N TYR A 152 -17.34 20.03 -0.09
CA TYR A 152 -17.14 20.67 -1.37
C TYR A 152 -18.43 20.93 -2.16
N TYR A 153 -19.39 20.01 -2.08
CA TYR A 153 -20.65 20.20 -2.79
C TYR A 153 -21.83 20.37 -1.81
N GLY A 154 -21.58 20.12 -0.53
CA GLY A 154 -22.61 20.21 0.47
C GLY A 154 -23.13 21.61 0.71
N SER A 155 -24.03 21.75 1.68
CA SER A 155 -24.66 23.04 1.96
C SER A 155 -23.77 23.96 2.79
N ARG A 156 -22.47 23.89 2.57
CA ARG A 156 -21.50 24.82 3.16
C ARG A 156 -20.40 25.03 2.13
N SER A 157 -20.59 24.43 0.95
CA SER A 157 -19.63 24.45 -0.15
C SER A 157 -19.06 25.83 -0.46
N SER A 158 -19.88 26.86 -0.26
CA SER A 158 -19.45 28.24 -0.46
C SER A 158 -18.09 28.54 0.20
N SER A 159 -17.89 28.05 1.42
CA SER A 159 -16.69 28.38 2.18
C SER A 159 -15.63 27.28 2.19
N TYR A 160 -15.50 26.55 1.08
CA TYR A 160 -14.63 25.37 1.09
C TYR A 160 -13.13 25.62 1.33
N ASN A 161 -12.60 26.74 0.83
CA ASN A 161 -11.14 26.99 0.84
C ASN A 161 -10.39 26.23 -0.25
N ILE A 162 -10.57 26.64 -1.49
CA ILE A 162 -9.93 25.91 -2.57
C ILE A 162 -8.43 26.23 -2.67
N ASP A 163 -7.97 27.17 -1.83
CA ASP A 163 -6.55 27.48 -1.73
C ASP A 163 -5.75 26.26 -1.27
N HIS A 164 -5.97 25.83 -0.03
CA HIS A 164 -5.27 24.68 0.52
C HIS A 164 -5.42 23.45 -0.39
N LEU A 165 -6.48 23.43 -1.19
CA LEU A 165 -6.70 22.34 -2.13
C LEU A 165 -5.76 22.44 -3.33
N VAL A 166 -5.63 23.65 -3.88
CA VAL A 166 -4.71 23.87 -4.99
C VAL A 166 -3.26 23.57 -4.61
N ARG A 167 -2.85 23.99 -3.42
CA ARG A 167 -1.49 23.75 -2.97
C ARG A 167 -1.23 22.28 -2.71
N ARG A 168 -2.19 21.60 -2.07
CA ARG A 168 -2.09 20.16 -1.87
C ARG A 168 -1.86 19.46 -3.21
N LEU A 169 -2.62 19.84 -4.21
CA LEU A 169 -2.53 19.23 -5.54
C LEU A 169 -1.25 19.61 -6.28
N SER A 170 -0.79 20.86 -6.14
CA SER A 170 0.44 21.26 -6.81
C SER A 170 1.61 20.45 -6.23
N THR A 171 1.51 20.15 -4.93
CA THR A 171 2.39 19.21 -4.23
C THR A 171 2.63 17.96 -5.06
N LEU A 172 1.56 17.45 -5.68
CA LEU A 172 1.59 16.27 -6.52
C LEU A 172 2.58 16.44 -7.68
N CYS A 173 2.77 17.67 -8.11
CA CYS A 173 3.59 17.95 -9.29
C CYS A 173 5.06 18.18 -8.94
N THR A 174 5.32 18.77 -7.78
CA THR A 174 6.70 18.94 -7.34
C THR A 174 7.32 17.59 -6.96
N THR A 175 6.67 16.83 -6.09
CA THR A 175 7.26 15.55 -5.67
C THR A 175 7.33 14.56 -6.81
N MET A 176 6.47 14.72 -7.80
CA MET A 176 6.49 13.83 -8.96
C MET A 176 7.45 14.37 -10.00
N ASN A 177 7.82 15.64 -9.85
CA ASN A 177 8.73 16.34 -10.75
C ASN A 177 8.20 16.40 -12.19
N VAL A 178 7.08 17.10 -12.37
CA VAL A 178 6.44 17.22 -13.67
C VAL A 178 5.60 18.50 -13.70
N ALA A 179 5.54 19.16 -14.85
CA ALA A 179 4.86 20.46 -14.94
C ALA A 179 3.73 20.45 -15.97
N PRO A 180 2.55 19.91 -15.57
CA PRO A 180 1.48 19.52 -16.49
C PRO A 180 0.59 20.66 -16.97
N ILE A 181 -0.03 20.46 -18.14
CA ILE A 181 -1.09 21.33 -18.61
C ILE A 181 -2.39 20.94 -17.89
N VAL A 182 -3.08 21.93 -17.35
CA VAL A 182 -4.30 21.69 -16.60
C VAL A 182 -5.52 21.63 -17.52
N ARG A 183 -6.32 20.58 -17.39
CA ARG A 183 -7.55 20.43 -18.17
C ARG A 183 -8.76 20.40 -17.25
N TYR A 184 -9.87 20.95 -17.72
CA TYR A 184 -11.11 20.91 -16.97
C TYR A 184 -12.33 20.84 -17.90
N SER A 185 -13.47 20.40 -17.38
CA SER A 185 -14.68 20.34 -18.19
C SER A 185 -15.28 21.72 -18.43
N SER A 186 -15.73 21.95 -19.67
CA SER A 186 -16.38 23.20 -20.02
C SER A 186 -17.55 23.47 -19.08
N THR A 187 -18.20 22.40 -18.65
CA THR A 187 -19.33 22.48 -17.73
C THR A 187 -18.96 22.31 -16.25
N SER A 188 -17.68 22.51 -15.94
CA SER A 188 -17.22 22.58 -14.54
C SER A 188 -18.02 23.59 -13.72
N THR A 189 -18.18 23.31 -12.43
CA THR A 189 -18.75 24.31 -11.53
C THR A 189 -17.75 25.45 -11.47
N PRO A 190 -18.23 26.67 -11.18
CA PRO A 190 -17.33 27.82 -11.03
C PRO A 190 -16.23 27.53 -10.02
N GLY A 191 -16.61 26.93 -8.88
CA GLY A 191 -15.64 26.59 -7.86
C GLY A 191 -14.50 25.78 -8.44
N THR A 192 -14.83 24.89 -9.38
CA THR A 192 -13.87 24.00 -9.98
C THR A 192 -13.02 24.69 -11.03
N GLU A 193 -13.66 25.39 -11.97
CA GLU A 193 -12.94 26.16 -12.97
C GLU A 193 -11.83 26.99 -12.33
N ARG A 194 -12.19 27.74 -11.29
CA ARG A 194 -11.23 28.57 -10.58
C ARG A 194 -10.07 27.74 -10.03
N MET A 195 -10.41 26.61 -9.39
CA MET A 195 -9.39 25.72 -8.88
C MET A 195 -8.40 25.30 -9.96
N ALA A 196 -8.90 25.02 -11.16
CA ALA A 196 -8.04 24.63 -12.29
C ALA A 196 -7.18 25.80 -12.75
N MET A 197 -7.76 26.99 -12.78
CA MET A 197 -6.99 28.17 -13.16
C MET A 197 -5.81 28.28 -12.19
N GLN A 198 -6.13 28.25 -10.91
CA GLN A 198 -5.17 28.55 -9.86
C GLN A 198 -4.06 27.50 -9.80
N LEU A 199 -4.41 26.25 -10.12
CA LEU A 199 -3.46 25.15 -10.12
C LEU A 199 -2.40 25.37 -11.18
N GLN A 200 -2.80 25.96 -12.29
CA GLN A 200 -1.88 26.21 -13.38
C GLN A 200 -0.82 27.21 -12.98
N LYS A 201 -1.25 28.31 -12.37
CA LYS A 201 -0.32 29.32 -11.85
C LYS A 201 0.59 28.78 -10.75
N GLU A 202 0.09 27.81 -9.99
CA GLU A 202 0.86 27.24 -8.90
C GLU A 202 2.01 26.40 -9.41
N ILE A 203 1.73 25.44 -10.29
CA ILE A 203 2.80 24.61 -10.82
C ILE A 203 3.78 25.47 -11.61
N ASP A 204 3.27 26.48 -12.30
CA ASP A 204 4.10 27.39 -13.08
C ASP A 204 4.99 28.25 -12.19
N MET A 205 4.42 28.74 -11.08
CA MET A 205 5.19 29.53 -10.12
C MET A 205 6.21 28.62 -9.44
N SER A 206 6.05 27.31 -9.63
CA SER A 206 7.01 26.34 -9.14
C SER A 206 8.09 26.08 -10.19
N VAL A 207 7.72 26.16 -11.47
CA VAL A 207 8.67 25.86 -12.54
C VAL A 207 9.63 27.02 -12.79
N SER A 208 9.09 28.24 -12.83
CA SER A 208 9.96 29.40 -12.97
C SER A 208 10.69 29.63 -11.65
N GLN A 209 10.48 28.72 -10.70
CA GLN A 209 11.14 28.80 -9.41
C GLN A 209 12.09 27.62 -9.21
N GLY A 210 12.19 26.77 -10.22
CA GLY A 210 13.10 25.64 -10.18
C GLY A 210 12.77 24.60 -9.13
N LEU A 211 11.47 24.39 -8.88
CA LEU A 211 11.02 23.36 -7.97
C LEU A 211 10.69 22.12 -8.76
N ILE A 212 10.58 22.29 -10.08
CA ILE A 212 10.45 21.17 -11.01
C ILE A 212 11.08 21.47 -12.37
N ASN A 213 11.92 20.55 -12.84
CA ASN A 213 12.58 20.65 -14.13
C ASN A 213 12.28 19.45 -15.02
N ALA A 214 11.72 19.71 -16.21
CA ALA A 214 11.36 18.62 -17.11
C ALA A 214 11.90 18.90 -18.51
N ARG A 215 11.86 17.89 -19.37
CA ARG A 215 12.39 18.06 -20.72
C ARG A 215 11.31 18.49 -21.71
N GLU A 216 10.06 18.08 -21.46
CA GLU A 216 8.94 18.49 -22.28
C GLU A 216 8.93 17.83 -23.65
N GLY A 217 8.95 16.49 -23.69
CA GLY A 217 8.90 15.76 -24.94
C GLY A 217 7.75 16.16 -25.87
N LYS A 218 7.64 15.47 -27.00
CA LYS A 218 6.59 15.76 -27.98
C LYS A 218 5.20 15.69 -27.34
N LEU A 219 4.97 14.66 -26.54
CA LEU A 219 3.72 14.49 -25.81
C LEU A 219 3.81 15.18 -24.45
N LYS A 220 2.69 15.74 -23.99
CA LYS A 220 2.71 16.55 -22.78
C LYS A 220 1.94 15.98 -21.58
N SER A 221 2.51 16.19 -20.41
CA SER A 221 1.89 15.82 -19.14
C SER A 221 0.73 16.74 -18.83
N GLN A 222 -0.44 16.15 -18.58
CA GLN A 222 -1.65 16.93 -18.34
C GLN A 222 -2.25 16.56 -16.98
N PHE A 223 -2.99 17.48 -16.38
CA PHE A 223 -3.55 17.28 -15.06
C PHE A 223 -5.05 17.60 -15.14
N LEU A 224 -5.84 16.54 -15.32
CA LEU A 224 -7.27 16.67 -15.58
C LEU A 224 -8.06 16.87 -14.30
N ILE A 225 -8.79 17.98 -14.21
CA ILE A 225 -9.58 18.28 -13.02
C ILE A 225 -11.08 18.15 -13.22
N LEU A 226 -11.69 17.30 -12.41
CA LEU A 226 -13.06 16.87 -12.63
C LEU A 226 -13.96 17.04 -11.42
N ASP A 227 -15.19 17.48 -11.69
CA ASP A 227 -16.27 17.41 -10.71
C ASP A 227 -16.79 15.98 -10.58
N ARG A 228 -17.31 15.63 -9.39
CA ARG A 228 -17.85 14.31 -9.19
C ARG A 228 -18.90 14.02 -10.26
N ALA A 229 -19.58 15.07 -10.70
CA ALA A 229 -20.64 14.98 -11.71
C ALA A 229 -20.19 14.47 -13.08
N VAL A 230 -18.89 14.30 -13.28
CA VAL A 230 -18.40 13.76 -14.53
C VAL A 230 -19.04 12.41 -14.84
N ASP A 231 -19.35 11.68 -13.78
CA ASP A 231 -19.88 10.30 -13.82
C ASP A 231 -20.42 9.89 -12.45
N LEU A 232 -21.75 9.88 -12.32
CA LEU A 232 -22.41 9.61 -11.04
C LEU A 232 -22.84 8.15 -10.94
N LYS A 233 -22.53 7.36 -11.97
CA LYS A 233 -22.92 5.96 -12.04
C LYS A 233 -21.84 5.02 -11.51
N SER A 234 -20.59 5.26 -11.91
CA SER A 234 -19.46 4.42 -11.49
C SER A 234 -19.34 4.17 -9.98
N PRO A 235 -19.54 5.21 -9.16
CA PRO A 235 -19.55 5.12 -7.69
C PRO A 235 -20.59 4.16 -7.16
N LEU A 236 -21.59 3.80 -7.96
CA LEU A 236 -22.73 3.04 -7.44
C LEU A 236 -22.77 1.57 -7.83
N VAL A 237 -22.20 1.23 -8.99
CA VAL A 237 -22.36 -0.10 -9.58
C VAL A 237 -21.59 -1.22 -8.85
N HIS A 238 -22.29 -2.30 -8.53
CA HIS A 238 -21.65 -3.55 -8.16
C HIS A 238 -20.64 -3.94 -9.22
N GLU A 239 -19.46 -4.31 -8.78
CA GLU A 239 -18.34 -4.48 -9.67
C GLU A 239 -17.69 -5.82 -9.31
N LEU A 240 -17.26 -6.58 -10.32
CA LEU A 240 -16.79 -7.96 -10.13
C LEU A 240 -15.27 -8.15 -10.30
N THR A 241 -14.52 -7.07 -10.25
CA THR A 241 -13.08 -7.21 -10.20
C THR A 241 -12.71 -7.26 -8.73
N TYR A 242 -11.58 -7.88 -8.42
CA TYR A 242 -11.26 -8.38 -7.09
C TYR A 242 -11.24 -7.33 -6.00
N GLN A 243 -10.35 -6.33 -6.15
CA GLN A 243 -10.27 -5.22 -5.20
C GLN A 243 -11.65 -4.59 -5.01
N ALA A 244 -12.24 -4.16 -6.12
CA ALA A 244 -13.52 -3.44 -6.08
C ALA A 244 -14.65 -4.24 -5.41
N ALA A 245 -14.70 -5.55 -5.69
CA ALA A 245 -15.72 -6.41 -5.10
C ALA A 245 -15.47 -6.67 -3.62
N ALA A 246 -14.19 -6.71 -3.24
CA ALA A 246 -13.85 -7.00 -1.85
C ALA A 246 -14.32 -5.85 -1.00
N TYR A 247 -13.99 -4.63 -1.43
CA TYR A 247 -14.24 -3.47 -0.61
C TYR A 247 -15.75 -3.16 -0.48
N ASP A 248 -16.50 -3.58 -1.49
CA ASP A 248 -17.95 -3.46 -1.55
C ASP A 248 -18.61 -4.50 -0.65
N LEU A 249 -18.48 -5.76 -1.05
CA LEU A 249 -19.17 -6.88 -0.39
C LEU A 249 -18.67 -7.31 1.00
N LEU A 250 -17.42 -7.02 1.31
CA LEU A 250 -16.84 -7.48 2.58
C LEU A 250 -16.60 -6.35 3.54
N ASN A 251 -16.28 -6.71 4.77
CA ASN A 251 -16.05 -5.73 5.80
C ASN A 251 -14.57 -5.37 5.86
N ILE A 252 -14.21 -4.29 5.16
CA ILE A 252 -12.83 -3.84 5.08
C ILE A 252 -12.74 -2.42 5.59
N GLU A 253 -12.53 -2.30 6.89
CA GLU A 253 -12.42 -1.00 7.53
C GLU A 253 -10.93 -0.61 7.55
N ASN A 254 -10.62 0.61 7.12
CA ASN A 254 -9.24 1.11 7.05
C ASN A 254 -8.26 0.12 6.43
N ASP A 255 -8.70 -0.61 5.41
CA ASP A 255 -7.85 -1.50 4.64
C ASP A 255 -7.48 -2.78 5.36
N ILE A 256 -8.09 -3.00 6.52
CA ILE A 256 -7.86 -4.22 7.30
C ILE A 256 -8.93 -5.29 7.05
N TYR A 257 -8.49 -6.48 6.72
CA TYR A 257 -9.39 -7.60 6.53
C TYR A 257 -9.16 -8.61 7.65
N SER A 258 -10.23 -9.23 8.15
CA SER A 258 -10.10 -10.29 9.17
C SER A 258 -10.58 -11.64 8.67
N TYR A 259 -9.79 -12.67 8.91
CA TYR A 259 -10.18 -14.03 8.60
C TYR A 259 -9.75 -15.01 9.69
N SER A 260 -9.92 -16.31 9.44
CA SER A 260 -9.57 -17.33 10.43
C SER A 260 -8.78 -18.46 9.78
N THR A 261 -7.63 -18.78 10.36
CA THR A 261 -6.85 -19.96 9.95
C THR A 261 -6.28 -20.65 11.16
N VAL A 262 -5.34 -21.55 10.91
CA VAL A 262 -4.69 -22.32 11.97
C VAL A 262 -3.18 -22.16 11.90
N ASP A 263 -2.53 -22.27 13.06
CA ASP A 263 -1.07 -22.34 13.12
C ASP A 263 -0.62 -23.77 13.40
N ALA A 264 0.52 -23.92 14.07
CA ALA A 264 0.99 -25.24 14.48
C ALA A 264 -0.17 -26.05 15.06
N GLY A 265 -0.87 -25.45 16.02
CA GLY A 265 -2.03 -26.08 16.64
C GLY A 265 -3.25 -25.19 16.65
N GLY A 266 -3.40 -24.40 17.72
CA GLY A 266 -4.53 -23.50 17.90
C GLY A 266 -5.25 -23.15 16.62
N ARG A 267 -6.51 -23.56 16.52
CA ARG A 267 -7.31 -23.33 15.33
C ARG A 267 -7.98 -21.96 15.40
N GLU A 268 -8.89 -21.72 14.46
CA GLU A 268 -9.59 -20.44 14.35
C GLU A 268 -8.79 -19.26 14.92
N GLN A 269 -7.53 -19.16 14.51
CA GLN A 269 -6.71 -18.00 14.82
C GLN A 269 -7.14 -16.86 13.92
N GLN A 270 -7.72 -15.82 14.51
CA GLN A 270 -8.22 -14.69 13.73
C GLN A 270 -7.10 -13.70 13.38
N ARG A 271 -6.67 -13.73 12.13
CA ARG A 271 -5.68 -12.79 11.63
C ARG A 271 -6.34 -11.51 11.13
N GLN A 272 -5.71 -10.38 11.41
CA GLN A 272 -6.04 -9.14 10.75
C GLN A 272 -4.82 -8.74 9.96
N VAL A 273 -4.97 -8.55 8.67
CA VAL A 273 -3.86 -8.09 7.86
C VAL A 273 -4.31 -6.83 7.14
N VAL A 274 -3.37 -5.99 6.71
CA VAL A 274 -3.67 -4.85 5.85
C VAL A 274 -3.48 -5.23 4.37
N LEU A 275 -4.43 -4.84 3.53
CA LEU A 275 -4.32 -5.00 2.09
C LEU A 275 -3.45 -3.88 1.52
N GLY A 276 -2.37 -4.24 0.82
CA GLY A 276 -1.42 -3.24 0.37
C GLY A 276 -0.40 -3.69 -0.65
N GLU A 277 0.46 -2.74 -1.03
CA GLU A 277 1.46 -2.93 -2.08
C GLU A 277 2.55 -3.98 -1.80
N ASP A 278 2.74 -4.38 -0.54
CA ASP A 278 3.84 -5.30 -0.26
C ASP A 278 3.39 -6.76 -0.24
N ASP A 279 2.27 -7.02 -0.91
CA ASP A 279 1.67 -8.34 -1.01
C ASP A 279 1.51 -8.63 -2.51
N ASP A 280 2.32 -9.56 -3.01
CA ASP A 280 2.49 -9.76 -4.43
C ASP A 280 1.29 -10.43 -5.07
N ILE A 281 0.57 -11.23 -4.30
CA ILE A 281 -0.67 -11.80 -4.80
C ILE A 281 -1.76 -10.72 -4.93
N TRP A 282 -1.84 -9.82 -3.94
CA TRP A 282 -2.78 -8.71 -4.00
C TRP A 282 -2.59 -7.95 -5.29
N LEU A 283 -1.39 -7.43 -5.51
CA LEU A 283 -1.00 -6.91 -6.82
C LEU A 283 -1.25 -8.06 -7.79
N GLN A 284 -1.47 -7.74 -9.07
CA GLN A 284 -1.61 -8.81 -10.05
C GLN A 284 -2.97 -9.49 -10.01
N MET A 285 -3.49 -9.69 -8.80
CA MET A 285 -4.82 -10.26 -8.67
C MET A 285 -5.95 -9.21 -8.52
N ARG A 286 -5.59 -8.01 -8.04
CA ARG A 286 -6.58 -7.02 -7.62
C ARG A 286 -7.44 -6.40 -8.70
N HIS A 287 -7.00 -6.45 -9.95
CA HIS A 287 -7.77 -5.91 -11.06
C HIS A 287 -8.39 -6.99 -11.94
N LEU A 288 -8.27 -8.23 -11.51
CA LEU A 288 -8.84 -9.37 -12.23
C LEU A 288 -10.29 -9.61 -11.85
N HIS A 289 -11.04 -10.23 -12.75
CA HIS A 289 -12.40 -10.67 -12.48
C HIS A 289 -12.41 -11.72 -11.34
N ILE A 290 -13.35 -11.60 -10.40
CA ILE A 290 -13.35 -12.52 -9.26
C ILE A 290 -13.43 -14.01 -9.58
N SER A 291 -14.11 -14.40 -10.64
CA SER A 291 -14.21 -15.83 -11.00
C SER A 291 -12.84 -16.40 -11.33
N GLU A 292 -12.03 -15.58 -11.98
CA GLU A 292 -10.69 -15.94 -12.37
C GLU A 292 -9.73 -15.90 -11.17
N VAL A 293 -9.96 -14.98 -10.22
CA VAL A 293 -9.14 -14.89 -9.02
C VAL A 293 -9.33 -16.10 -8.12
N PHE A 294 -10.59 -16.40 -7.82
CA PHE A 294 -10.96 -17.63 -7.14
C PHE A 294 -9.98 -18.76 -7.48
N ARG A 295 -9.78 -19.02 -8.78
CA ARG A 295 -9.02 -20.20 -9.20
C ARG A 295 -7.50 -20.04 -9.43
N LYS A 296 -7.03 -18.81 -9.62
CA LYS A 296 -5.59 -18.57 -9.78
C LYS A 296 -4.86 -18.62 -8.43
N VAL A 297 -5.48 -18.07 -7.40
CA VAL A 297 -4.92 -18.15 -6.05
C VAL A 297 -4.78 -19.61 -5.64
N LYS A 298 -5.82 -20.40 -5.92
CA LYS A 298 -5.75 -21.83 -5.68
C LYS A 298 -4.60 -22.49 -6.49
N SER A 299 -4.53 -22.19 -7.78
CA SER A 299 -3.44 -22.67 -8.66
C SER A 299 -2.07 -22.25 -8.17
N SER A 300 -1.95 -20.96 -7.90
CA SER A 300 -0.70 -20.36 -7.48
C SER A 300 -0.26 -20.98 -6.15
N PHE A 301 -1.22 -21.25 -5.27
CA PHE A 301 -0.96 -21.87 -3.98
C PHE A 301 -0.45 -23.30 -4.14
N ASP A 302 -1.14 -24.10 -4.96
CA ASP A 302 -0.74 -25.49 -5.21
C ASP A 302 0.60 -25.59 -5.96
N GLU A 303 0.82 -24.71 -6.93
CA GLU A 303 2.10 -24.67 -7.63
C GLU A 303 3.21 -24.31 -6.67
N PHE A 304 2.92 -23.39 -5.75
CA PHE A 304 3.95 -22.94 -4.81
C PHE A 304 4.39 -24.09 -3.92
N CYS A 305 3.43 -24.83 -3.38
CA CYS A 305 3.75 -25.95 -2.51
C CYS A 305 4.56 -27.02 -3.24
N VAL A 306 4.05 -27.45 -4.38
CA VAL A 306 4.73 -28.46 -5.18
C VAL A 306 6.17 -28.06 -5.49
N SER A 307 6.36 -26.80 -5.86
CA SER A 307 7.68 -26.27 -6.16
C SER A 307 8.56 -26.17 -4.92
N ALA A 308 7.99 -25.71 -3.81
CA ALA A 308 8.80 -25.45 -2.63
C ALA A 308 9.29 -26.73 -2.01
N ARG A 309 8.68 -27.84 -2.37
CA ARG A 309 9.17 -29.14 -1.94
C ARG A 309 10.29 -29.64 -2.85
N ARG A 310 10.23 -29.31 -4.13
CA ARG A 310 11.27 -29.74 -5.07
C ARG A 310 12.54 -28.92 -4.91
N LEU A 311 12.44 -27.77 -4.25
CA LEU A 311 13.63 -26.99 -3.92
C LEU A 311 14.40 -27.68 -2.82
N GLN A 312 13.70 -28.37 -1.93
CA GLN A 312 14.37 -29.31 -1.03
C GLN A 312 14.39 -30.70 -1.67
N GLY A 313 13.87 -31.70 -0.95
CA GLY A 313 13.81 -33.06 -1.48
C GLY A 313 12.70 -33.85 -0.84
N LEU A 314 11.51 -33.77 -1.43
CA LEU A 314 10.33 -34.40 -0.86
C LEU A 314 9.32 -34.71 -1.99
N ARG A 315 8.07 -35.04 -1.65
CA ARG A 315 7.00 -35.16 -2.66
C ARG A 315 5.60 -35.37 -2.05
N ASP A 316 4.59 -34.70 -2.62
CA ASP A 316 3.25 -34.62 -2.01
C ASP A 316 2.38 -35.83 -2.26
N SER A 317 2.59 -36.90 -1.52
CA SER A 317 1.73 -38.08 -1.63
C SER A 317 0.64 -38.03 -0.55
N GLN A 318 0.77 -37.07 0.36
CA GLN A 318 -0.17 -36.95 1.48
C GLN A 318 -1.12 -35.79 1.27
N GLN A 319 -2.39 -36.11 1.08
CA GLN A 319 -3.42 -35.09 0.95
C GLN A 319 -4.58 -35.38 1.88
N GLY A 320 -4.61 -34.68 3.01
CA GLY A 320 -5.71 -34.76 3.94
C GLY A 320 -6.40 -33.41 3.96
N GLU A 321 -7.70 -33.41 4.19
CA GLU A 321 -8.48 -32.18 4.25
C GLU A 321 -8.14 -31.20 3.13
N GLY A 322 -7.75 -31.74 1.97
CA GLY A 322 -7.50 -30.92 0.79
C GLY A 322 -6.30 -30.01 0.91
N GLY A 323 -6.54 -28.71 0.73
CA GLY A 323 -5.49 -27.72 0.78
C GLY A 323 -5.19 -27.22 2.19
N ALA A 324 -6.06 -27.53 3.13
CA ALA A 324 -5.81 -27.20 4.53
C ALA A 324 -4.68 -28.08 5.08
N GLY A 325 -4.64 -29.32 4.60
CA GLY A 325 -3.64 -30.29 5.02
C GLY A 325 -2.32 -30.00 4.35
N ALA A 326 -2.41 -29.32 3.21
CA ALA A 326 -1.23 -28.85 2.53
C ALA A 326 -0.64 -27.70 3.33
N LEU A 327 -1.51 -26.83 3.84
CA LEU A 327 -1.10 -25.68 4.64
C LEU A 327 -0.55 -26.12 6.00
N LYS A 328 -1.09 -27.20 6.54
CA LYS A 328 -0.58 -27.72 7.79
C LYS A 328 0.78 -28.36 7.54
N GLN A 329 0.91 -29.09 6.44
CA GLN A 329 2.12 -29.85 6.16
C GLN A 329 3.24 -28.90 5.75
N MET A 330 2.87 -27.76 5.19
CA MET A 330 3.86 -26.81 4.75
C MET A 330 4.44 -26.03 5.94
N LEU A 331 3.56 -25.59 6.84
CA LEU A 331 3.99 -24.88 8.05
C LEU A 331 4.80 -25.79 8.98
N LYS A 332 4.63 -27.09 8.84
CA LYS A 332 5.38 -28.04 9.64
C LYS A 332 6.70 -28.37 8.97
N ASP A 333 6.66 -28.65 7.67
CA ASP A 333 7.83 -29.10 6.92
C ASP A 333 8.76 -27.96 6.47
N LEU A 334 8.16 -26.86 6.02
CA LEU A 334 8.89 -25.71 5.54
C LEU A 334 8.54 -24.42 6.30
N PRO A 335 8.82 -24.38 7.60
CA PRO A 335 8.52 -23.21 8.43
C PRO A 335 9.02 -21.91 7.82
N GLN A 336 10.16 -21.95 7.14
CA GLN A 336 10.69 -20.84 6.37
C GLN A 336 9.61 -20.07 5.62
N HIS A 337 8.64 -20.79 5.06
CA HIS A 337 7.68 -20.16 4.18
C HIS A 337 6.40 -19.68 4.88
N ARG A 338 6.41 -19.63 6.20
CA ARG A 338 5.26 -19.19 6.99
C ARG A 338 4.55 -17.93 6.46
N GLU A 339 5.29 -16.97 5.93
CA GLU A 339 4.69 -15.72 5.48
C GLU A 339 4.02 -15.80 4.11
N GLN A 340 4.62 -16.53 3.19
CA GLN A 340 3.97 -16.78 1.90
C GLN A 340 2.65 -17.50 2.17
N MET A 341 2.68 -18.38 3.15
CA MET A 341 1.54 -19.17 3.52
C MET A 341 0.40 -18.31 4.03
N GLN A 342 0.71 -17.40 4.94
CA GLN A 342 -0.26 -16.46 5.45
C GLN A 342 -0.83 -15.67 4.28
N LYS A 343 0.02 -15.29 3.33
CA LYS A 343 -0.42 -14.52 2.17
C LYS A 343 -1.44 -15.29 1.32
N TYR A 344 -1.20 -16.57 1.09
CA TYR A 344 -2.15 -17.37 0.33
C TYR A 344 -3.43 -17.65 1.12
N SER A 345 -3.31 -17.77 2.43
CA SER A 345 -4.47 -18.18 3.17
C SER A 345 -5.44 -16.99 3.22
N LEU A 346 -4.88 -15.79 3.26
CA LEU A 346 -5.67 -14.57 3.21
C LEU A 346 -6.49 -14.47 1.93
N HIS A 347 -5.88 -14.68 0.77
CA HIS A 347 -6.60 -14.59 -0.51
C HIS A 347 -7.46 -15.80 -0.89
N LEU A 348 -7.08 -16.99 -0.42
CA LEU A 348 -7.97 -18.15 -0.47
C LEU A 348 -9.28 -17.77 0.23
N ASP A 349 -9.13 -17.21 1.42
CA ASP A 349 -10.25 -16.76 2.25
C ASP A 349 -11.07 -15.65 1.62
N MET A 350 -10.39 -14.59 1.19
CA MET A 350 -11.08 -13.42 0.69
C MET A 350 -11.76 -13.77 -0.62
N SER A 351 -11.02 -14.43 -1.50
CA SER A 351 -11.59 -14.99 -2.72
C SER A 351 -12.90 -15.73 -2.45
N ASN A 352 -12.84 -16.69 -1.53
CA ASN A 352 -14.02 -17.46 -1.22
C ASN A 352 -15.15 -16.61 -0.66
N ALA A 353 -14.82 -15.73 0.28
CA ALA A 353 -15.80 -14.85 0.87
C ALA A 353 -16.57 -14.03 -0.18
N ILE A 354 -15.84 -13.44 -1.12
CA ILE A 354 -16.47 -12.74 -2.23
C ILE A 354 -17.43 -13.67 -2.98
N ASN A 355 -16.96 -14.86 -3.37
CA ASN A 355 -17.80 -15.78 -4.12
C ASN A 355 -19.11 -16.09 -3.40
N MET A 356 -19.03 -16.21 -2.07
CA MET A 356 -20.20 -16.51 -1.27
C MET A 356 -21.14 -15.32 -1.12
N ALA A 357 -20.56 -14.13 -0.99
CA ALA A 357 -21.35 -12.92 -0.87
C ALA A 357 -22.06 -12.59 -2.20
N PHE A 358 -21.53 -13.08 -3.31
CA PHE A 358 -22.19 -12.83 -4.58
C PHE A 358 -23.28 -13.83 -4.76
N SER A 359 -24.31 -13.68 -3.93
CA SER A 359 -25.52 -14.50 -3.97
C SER A 359 -26.34 -14.25 -5.24
N SER A 360 -27.27 -15.14 -5.52
CA SER A 360 -28.26 -14.88 -6.58
C SER A 360 -28.91 -13.49 -6.40
N THR A 361 -29.21 -13.10 -5.17
CA THR A 361 -29.75 -11.76 -4.97
C THR A 361 -28.86 -10.68 -5.60
N ILE A 362 -27.61 -10.64 -5.17
CA ILE A 362 -26.65 -9.64 -5.66
C ILE A 362 -26.48 -9.67 -7.18
N ASP A 363 -26.48 -10.88 -7.74
CA ASP A 363 -26.53 -11.09 -9.19
C ASP A 363 -27.74 -10.38 -9.86
N SER A 364 -28.96 -10.61 -9.35
CA SER A 364 -30.15 -9.85 -9.74
C SER A 364 -29.90 -8.34 -9.72
N CYS A 365 -29.42 -7.80 -8.60
CA CYS A 365 -29.09 -6.35 -8.50
C CYS A 365 -28.10 -5.94 -9.58
N THR A 366 -27.08 -6.76 -9.78
CA THR A 366 -26.07 -6.45 -10.79
C THR A 366 -26.62 -6.45 -12.21
N LYS A 367 -27.39 -7.47 -12.58
CA LYS A 367 -28.04 -7.50 -13.89
C LYS A 367 -28.86 -6.24 -14.14
N ALA A 368 -29.68 -5.87 -13.16
CA ALA A 368 -30.51 -4.67 -13.23
C ALA A 368 -29.65 -3.42 -13.35
N GLU A 369 -28.62 -3.33 -12.51
CA GLU A 369 -27.67 -2.21 -12.56
C GLU A 369 -27.00 -2.07 -13.94
N GLN A 370 -26.54 -3.18 -14.53
CA GLN A 370 -25.92 -3.14 -15.85
C GLN A 370 -26.88 -2.68 -16.95
N ASN A 371 -28.11 -3.20 -16.93
CA ASN A 371 -29.12 -2.82 -17.90
C ASN A 371 -29.44 -1.33 -17.84
N ILE A 372 -29.65 -0.82 -16.64
CA ILE A 372 -29.96 0.59 -16.44
C ILE A 372 -28.83 1.50 -16.88
N VAL A 373 -27.62 1.06 -16.60
CA VAL A 373 -26.44 1.90 -16.72
C VAL A 373 -25.88 1.93 -18.15
N THR A 374 -26.01 0.83 -18.89
CA THR A 374 -25.59 0.80 -20.28
C THR A 374 -26.79 1.02 -21.19
N GLU A 375 -27.98 0.90 -20.62
CA GLU A 375 -29.22 1.15 -21.36
C GLU A 375 -29.50 0.12 -22.47
N GLU A 376 -28.84 -1.04 -22.41
CA GLU A 376 -29.23 -2.19 -23.21
C GLU A 376 -29.00 -3.47 -22.40
N GLU A 377 -29.54 -4.60 -22.86
CA GLU A 377 -29.36 -5.89 -22.17
C GLU A 377 -28.13 -6.60 -22.70
N GLN A 378 -27.84 -7.80 -22.19
CA GLN A 378 -26.81 -8.64 -22.80
C GLN A 378 -27.09 -8.73 -24.29
N ASP A 379 -28.33 -9.08 -24.62
CA ASP A 379 -28.84 -9.18 -26.00
C ASP A 379 -28.44 -8.02 -26.88
N GLY A 380 -28.66 -6.83 -26.36
CA GLY A 380 -28.47 -5.61 -27.13
C GLY A 380 -29.80 -4.90 -27.24
N ASN A 381 -30.86 -5.57 -26.77
CA ASN A 381 -32.19 -4.96 -26.76
C ASN A 381 -32.24 -3.70 -25.89
N LYS A 382 -32.40 -2.55 -26.52
CA LYS A 382 -32.41 -1.29 -25.81
C LYS A 382 -33.39 -1.39 -24.62
N VAL A 383 -33.01 -0.81 -23.48
CA VAL A 383 -33.89 -0.75 -22.31
C VAL A 383 -34.40 0.67 -22.11
N ARG A 384 -35.72 0.79 -21.95
CA ARG A 384 -36.37 2.11 -21.95
C ARG A 384 -37.15 2.35 -20.67
N ASP A 385 -37.77 1.30 -20.15
CA ASP A 385 -38.48 1.39 -18.87
C ASP A 385 -37.50 1.14 -17.70
N PHE A 386 -36.80 2.20 -17.31
CA PHE A 386 -35.84 2.10 -16.23
C PHE A 386 -36.51 1.72 -14.93
N ILE A 387 -37.72 2.24 -14.71
CA ILE A 387 -38.46 1.92 -13.50
C ILE A 387 -38.88 0.47 -13.46
N GLY A 388 -39.17 -0.11 -14.62
CA GLY A 388 -39.48 -1.53 -14.70
C GLY A 388 -38.31 -2.42 -14.36
N GLU A 389 -37.10 -1.99 -14.76
CA GLU A 389 -35.86 -2.72 -14.47
C GLU A 389 -35.67 -2.91 -13.00
N VAL A 390 -36.02 -1.87 -12.26
CA VAL A 390 -35.82 -1.78 -10.85
C VAL A 390 -36.88 -2.56 -10.08
N ALA A 391 -38.09 -2.66 -10.62
CA ALA A 391 -39.17 -3.32 -9.90
C ALA A 391 -38.77 -4.70 -9.37
N SER A 392 -38.20 -5.54 -10.24
CA SER A 392 -37.70 -6.86 -9.87
C SER A 392 -36.83 -6.83 -8.60
N VAL A 393 -35.85 -5.93 -8.58
CA VAL A 393 -34.98 -5.77 -7.44
C VAL A 393 -35.76 -5.30 -6.21
N VAL A 394 -36.46 -4.19 -6.35
CA VAL A 394 -37.15 -3.53 -5.25
C VAL A 394 -38.26 -4.31 -4.52
N VAL A 395 -38.94 -5.27 -5.18
CA VAL A 395 -39.88 -6.17 -4.48
C VAL A 395 -39.16 -7.17 -3.61
N ASP A 396 -38.09 -7.72 -4.19
CA ASP A 396 -37.24 -8.72 -3.56
C ASP A 396 -36.85 -8.27 -2.16
N ARG A 397 -37.35 -9.00 -1.16
CA ARG A 397 -37.25 -8.56 0.23
C ARG A 397 -35.98 -9.07 0.84
N ARG A 398 -35.30 -9.95 0.10
CA ARG A 398 -33.94 -10.37 0.42
C ARG A 398 -32.91 -9.27 0.15
N VAL A 399 -33.35 -8.14 -0.42
CA VAL A 399 -32.42 -7.11 -0.88
C VAL A 399 -32.22 -5.98 0.12
N SER A 400 -30.97 -5.75 0.47
CA SER A 400 -30.57 -4.70 1.38
C SER A 400 -31.24 -3.38 1.03
N THR A 401 -31.51 -2.56 2.05
CA THR A 401 -31.94 -1.20 1.80
C THR A 401 -30.91 -0.48 0.94
N GLU A 402 -29.65 -0.50 1.37
CA GLU A 402 -28.55 0.07 0.61
C GLU A 402 -28.51 -0.42 -0.85
N ASP A 403 -28.71 -1.71 -1.07
CA ASP A 403 -28.74 -2.19 -2.45
C ASP A 403 -29.92 -1.61 -3.26
N LYS A 404 -31.10 -1.59 -2.65
CA LYS A 404 -32.24 -0.97 -3.28
C LYS A 404 -31.91 0.50 -3.60
N LEU A 405 -31.43 1.24 -2.61
CA LEU A 405 -30.98 2.61 -2.86
C LEU A 405 -30.07 2.74 -4.08
N ARG A 406 -29.07 1.87 -4.19
CA ARG A 406 -28.13 1.94 -5.31
C ARG A 406 -28.82 1.79 -6.66
N CYS A 407 -29.67 0.79 -6.78
CA CYS A 407 -30.48 0.64 -7.99
C CYS A 407 -31.42 1.82 -8.24
N LEU A 408 -32.09 2.31 -7.20
CA LEU A 408 -32.97 3.46 -7.36
C LEU A 408 -32.20 4.68 -7.85
N MET A 409 -31.02 4.91 -7.28
CA MET A 409 -30.22 6.09 -7.61
C MET A 409 -29.78 6.03 -9.07
N LEU A 410 -29.38 4.84 -9.50
CA LEU A 410 -28.98 4.65 -10.86
C LEU A 410 -30.17 4.92 -11.77
N CYS A 411 -31.34 4.44 -11.35
CA CYS A 411 -32.59 4.65 -12.06
C CYS A 411 -32.93 6.13 -12.33
N VAL A 412 -32.85 7.00 -11.32
CA VAL A 412 -33.20 8.40 -11.55
C VAL A 412 -32.11 9.15 -12.33
N LEU A 413 -30.89 8.64 -12.28
CA LEU A 413 -29.80 9.18 -13.09
C LEU A 413 -30.07 8.94 -14.58
N ALA A 414 -30.56 7.76 -14.90
CA ALA A 414 -30.91 7.38 -16.27
C ALA A 414 -32.12 8.15 -16.80
N LYS A 415 -33.23 8.08 -16.06
CA LYS A 415 -34.45 8.79 -16.40
C LYS A 415 -34.22 10.29 -16.63
N ASN A 416 -33.28 10.88 -15.90
CA ASN A 416 -32.96 12.27 -16.11
C ASN A 416 -34.21 13.14 -16.03
N GLY A 417 -35.05 12.89 -15.02
CA GLY A 417 -36.29 13.63 -14.89
C GLY A 417 -37.49 12.71 -14.71
N THR A 418 -38.06 12.76 -13.51
CA THR A 418 -39.08 11.82 -13.08
C THR A 418 -40.05 12.63 -12.22
N SER A 419 -41.35 12.51 -12.48
CA SER A 419 -42.31 13.36 -11.80
C SER A 419 -42.27 13.17 -10.29
N SER A 420 -42.51 14.25 -9.53
CA SER A 420 -42.55 14.16 -8.09
C SER A 420 -43.41 13.00 -7.64
N HIS A 421 -44.51 12.78 -8.35
CA HIS A 421 -45.49 11.80 -7.92
C HIS A 421 -45.01 10.36 -8.17
N GLU A 422 -44.53 10.11 -9.37
CA GLU A 422 -44.06 8.78 -9.74
C GLU A 422 -42.84 8.38 -8.90
N LEU A 423 -42.04 9.36 -8.52
CA LEU A 423 -40.87 9.13 -7.69
C LEU A 423 -41.22 8.85 -6.22
N ASN A 424 -42.13 9.66 -5.66
CA ASN A 424 -42.58 9.42 -4.29
C ASN A 424 -43.25 8.04 -4.17
N ASN A 425 -43.83 7.55 -5.27
CA ASN A 425 -44.49 6.25 -5.24
C ASN A 425 -43.53 5.08 -5.37
N LEU A 426 -42.50 5.29 -6.17
CA LEU A 426 -41.45 4.31 -6.32
C LEU A 426 -40.75 4.10 -4.99
N LEU A 427 -40.46 5.21 -4.30
CA LEU A 427 -39.84 5.12 -3.02
C LEU A 427 -40.75 4.45 -1.99
N ASP A 428 -42.05 4.72 -2.06
CA ASP A 428 -43.01 4.03 -1.20
C ASP A 428 -43.10 2.51 -1.50
N ASN A 429 -43.12 2.13 -2.76
CA ASN A 429 -43.21 0.72 -3.07
C ASN A 429 -41.97 -0.05 -2.66
N ALA A 430 -40.86 0.64 -2.63
CA ALA A 430 -39.58 0.05 -2.28
C ALA A 430 -39.37 -0.05 -0.75
N ASN A 431 -40.30 0.50 0.04
CA ASN A 431 -40.17 0.54 1.50
C ASN A 431 -38.84 1.18 1.88
N ILE A 432 -38.61 2.38 1.38
CA ILE A 432 -37.41 3.10 1.72
C ILE A 432 -37.74 4.20 2.70
N ALA A 433 -37.21 4.07 3.91
CA ALA A 433 -37.54 5.02 4.98
C ALA A 433 -37.20 6.44 4.57
N THR A 434 -38.07 7.38 4.93
CA THR A 434 -37.96 8.74 4.44
C THR A 434 -36.61 9.42 4.73
N PRO A 435 -36.01 9.16 5.90
CA PRO A 435 -34.66 9.67 6.12
C PRO A 435 -33.62 9.14 5.13
N SER A 436 -33.78 7.90 4.67
CA SER A 436 -32.83 7.34 3.71
C SER A 436 -32.99 7.86 2.27
N ARG A 437 -34.02 8.66 2.01
CA ARG A 437 -34.28 9.12 0.64
C ARG A 437 -33.41 10.29 0.20
N SER A 438 -32.63 10.85 1.12
CA SER A 438 -31.75 11.95 0.75
C SER A 438 -30.65 11.46 -0.17
N ALA A 439 -30.43 10.14 -0.18
CA ALA A 439 -29.50 9.53 -1.14
C ALA A 439 -29.93 9.74 -2.59
N ILE A 440 -31.24 9.86 -2.81
CA ILE A 440 -31.80 10.10 -4.13
C ILE A 440 -31.88 11.59 -4.46
N TYR A 441 -32.57 12.35 -3.61
CA TYR A 441 -32.83 13.76 -3.88
C TYR A 441 -31.56 14.62 -3.89
N ASN A 442 -30.58 14.25 -3.08
CA ASN A 442 -29.40 15.09 -3.02
C ASN A 442 -28.51 15.02 -4.26
N LEU A 443 -28.80 14.08 -5.17
CA LEU A 443 -28.11 14.06 -6.45
C LEU A 443 -28.24 15.41 -7.18
N GLU A 444 -29.31 16.17 -6.88
CA GLU A 444 -29.49 17.54 -7.36
C GLU A 444 -28.25 18.38 -7.10
N MET A 445 -27.66 18.22 -5.93
CA MET A 445 -26.49 19.00 -5.54
C MET A 445 -25.21 18.60 -6.26
N LEU A 446 -25.28 17.53 -7.06
CA LEU A 446 -24.18 17.14 -7.93
C LEU A 446 -24.62 17.30 -9.39
N GLY A 447 -25.62 18.16 -9.60
CA GLY A 447 -26.07 18.54 -10.92
C GLY A 447 -26.74 17.43 -11.71
N ALA A 448 -27.71 16.76 -11.09
CA ALA A 448 -28.27 15.56 -11.70
C ALA A 448 -29.67 15.76 -12.26
N THR A 449 -30.48 16.54 -11.55
CA THR A 449 -31.92 16.64 -11.85
C THR A 449 -32.62 15.28 -11.73
N VAL A 450 -33.42 15.15 -10.68
CA VAL A 450 -33.96 13.85 -10.35
C VAL A 450 -35.46 13.93 -10.53
N VAL A 451 -36.05 14.97 -9.98
CA VAL A 451 -37.48 15.27 -10.17
C VAL A 451 -37.71 16.05 -11.46
N ALA A 452 -38.74 15.66 -12.21
CA ALA A 452 -38.97 16.20 -13.55
C ALA A 452 -39.33 17.68 -13.55
N ASP A 453 -39.86 18.16 -12.43
CA ASP A 453 -40.29 19.56 -12.37
C ASP A 453 -39.15 20.53 -12.10
N ARG A 454 -37.97 19.99 -11.82
CA ARG A 454 -36.81 20.82 -11.58
C ARG A 454 -36.08 21.14 -12.89
N ARG A 455 -36.54 20.55 -13.98
CA ARG A 455 -35.98 20.80 -15.32
C ARG A 455 -34.68 20.01 -15.62
N GLY A 456 -34.72 19.24 -16.72
CA GLY A 456 -33.62 18.37 -17.09
C GLY A 456 -32.37 19.09 -17.54
N ARG A 457 -31.22 18.47 -17.29
CA ARG A 457 -29.93 19.06 -17.64
C ARG A 457 -29.43 18.57 -19.00
N LYS A 458 -29.01 19.49 -19.84
CA LYS A 458 -28.67 19.17 -21.23
C LYS A 458 -27.69 18.00 -21.35
N PRO A 459 -28.05 17.01 -22.18
CA PRO A 459 -27.36 15.72 -22.34
C PRO A 459 -25.86 15.84 -22.49
N LYS A 460 -25.14 14.93 -21.85
CA LYS A 460 -23.68 14.87 -21.94
C LYS A 460 -23.29 14.44 -23.35
N THR A 461 -22.61 15.34 -24.05
CA THR A 461 -22.25 15.11 -25.44
C THR A 461 -20.83 14.54 -25.59
N MET A 462 -20.68 13.23 -25.40
CA MET A 462 -19.38 12.59 -25.56
C MET A 462 -19.51 11.12 -26.00
N LYS A 463 -18.96 10.80 -27.16
CA LYS A 463 -18.93 9.45 -27.70
C LYS A 463 -18.14 8.49 -26.78
N ARG A 464 -18.57 7.23 -26.67
CA ARG A 464 -18.09 6.34 -25.61
C ARG A 464 -16.93 5.38 -25.95
N ILE A 465 -16.30 5.55 -27.10
CA ILE A 465 -15.19 4.68 -27.49
C ILE A 465 -15.66 3.30 -27.93
N GLU A 466 -16.59 2.71 -27.20
CA GLU A 466 -17.12 1.40 -27.58
C GLU A 466 -16.03 0.35 -27.45
N ARG A 467 -16.33 -0.69 -26.70
CA ARG A 467 -15.31 -1.66 -26.35
C ARG A 467 -15.88 -3.06 -26.49
N ASP A 468 -15.00 -4.05 -26.49
CA ASP A 468 -15.45 -5.43 -26.42
C ASP A 468 -15.58 -5.79 -24.94
N MET A 469 -16.82 -5.96 -24.48
CA MET A 469 -17.06 -6.35 -23.10
C MET A 469 -17.69 -7.75 -23.05
N PRO A 470 -16.84 -8.76 -22.87
CA PRO A 470 -17.17 -10.19 -22.82
C PRO A 470 -18.12 -10.55 -21.66
N TYR A 471 -17.65 -10.42 -20.43
CA TYR A 471 -18.44 -10.74 -19.24
C TYR A 471 -19.82 -10.04 -19.22
N VAL A 472 -20.90 -10.80 -19.01
CA VAL A 472 -22.23 -10.20 -19.10
C VAL A 472 -22.66 -9.31 -17.92
N LEU A 473 -22.01 -9.47 -16.76
CA LEU A 473 -22.25 -8.58 -15.61
C LEU A 473 -21.19 -7.47 -15.51
N SER A 474 -20.37 -7.34 -16.54
CA SER A 474 -19.32 -6.34 -16.52
C SER A 474 -19.27 -5.60 -17.84
N ARG A 475 -20.39 -4.98 -18.23
CA ARG A 475 -20.49 -4.32 -19.51
C ARG A 475 -20.25 -2.82 -19.40
N TRP A 476 -20.36 -2.30 -18.18
CA TRP A 476 -20.13 -0.88 -17.94
C TRP A 476 -18.64 -0.52 -17.82
N THR A 477 -18.27 0.58 -18.46
CA THR A 477 -16.93 1.13 -18.40
C THR A 477 -17.04 2.54 -17.84
N PRO A 478 -16.31 2.87 -16.77
CA PRO A 478 -16.34 4.23 -16.24
C PRO A 478 -15.93 5.28 -17.27
N ILE A 479 -16.67 6.38 -17.27
CA ILE A 479 -16.45 7.46 -18.21
C ILE A 479 -15.02 7.95 -18.14
N VAL A 480 -14.47 7.95 -16.94
CA VAL A 480 -13.14 8.47 -16.72
C VAL A 480 -12.10 7.70 -17.57
N LYS A 481 -12.41 6.48 -17.96
CA LYS A 481 -11.46 5.72 -18.77
C LYS A 481 -11.39 6.31 -20.16
N ASP A 482 -12.54 6.69 -20.70
CA ASP A 482 -12.63 7.33 -22.00
C ASP A 482 -11.91 8.69 -21.99
N LEU A 483 -12.08 9.45 -20.92
CA LEU A 483 -11.29 10.67 -20.75
C LEU A 483 -9.79 10.38 -20.81
N MET A 484 -9.34 9.36 -20.10
CA MET A 484 -7.93 8.96 -20.11
C MET A 484 -7.41 8.66 -21.51
N GLU A 485 -8.04 7.69 -22.19
CA GLU A 485 -7.62 7.25 -23.52
C GLU A 485 -7.68 8.36 -24.57
N TYR A 486 -8.72 9.17 -24.54
CA TYR A 486 -8.80 10.31 -25.46
C TYR A 486 -7.58 11.21 -25.30
N ILE A 487 -7.22 11.53 -24.06
CA ILE A 487 -6.06 12.38 -23.76
C ILE A 487 -4.75 11.73 -24.17
N ALA A 488 -4.68 10.41 -24.03
CA ALA A 488 -3.50 9.65 -24.45
C ALA A 488 -3.42 9.56 -25.97
N THR A 489 -4.15 10.42 -26.65
CA THR A 489 -4.29 10.39 -28.10
C THR A 489 -4.68 11.77 -28.59
N GLY A 490 -4.41 12.77 -27.74
CA GLY A 490 -4.81 14.15 -28.01
C GLY A 490 -6.21 14.29 -28.61
N GLN A 491 -7.04 13.27 -28.44
CA GLN A 491 -8.31 13.18 -29.14
C GLN A 491 -9.48 13.76 -28.32
N LEU A 492 -9.16 14.53 -27.29
CA LEU A 492 -10.19 15.09 -26.41
C LEU A 492 -10.42 16.58 -26.69
N ASP A 493 -11.50 16.88 -27.41
CA ASP A 493 -11.88 18.26 -27.77
C ASP A 493 -11.41 19.31 -26.76
N LEU A 494 -10.91 20.43 -27.28
CA LEU A 494 -10.59 21.56 -26.42
C LEU A 494 -11.84 22.34 -26.02
N GLU A 495 -12.93 22.13 -26.77
CA GLU A 495 -14.18 22.80 -26.47
C GLU A 495 -14.90 22.08 -25.35
N SER A 496 -14.68 20.77 -25.29
CA SER A 496 -15.30 19.93 -24.28
C SER A 496 -14.48 19.96 -22.98
N TYR A 497 -13.15 19.93 -23.12
CA TYR A 497 -12.25 20.01 -21.98
C TYR A 497 -11.07 20.94 -22.29
N PRO A 498 -11.25 22.24 -22.06
CA PRO A 498 -10.24 23.25 -22.40
C PRO A 498 -9.01 23.17 -21.52
N ALA A 499 -7.87 23.60 -22.05
CA ALA A 499 -6.67 23.74 -21.25
C ALA A 499 -6.58 25.15 -20.67
N VAL A 500 -5.90 25.27 -19.53
CA VAL A 500 -5.62 26.60 -18.99
C VAL A 500 -4.69 27.32 -19.94
N ARG A 501 -3.62 26.65 -20.35
CA ARG A 501 -2.65 27.22 -21.27
C ARG A 501 -2.27 26.19 -22.33
N ASP A 502 -1.55 26.65 -23.35
CA ASP A 502 -1.02 25.78 -24.40
C ASP A 502 -2.06 24.81 -24.95
N GLY A 503 -3.30 25.28 -25.09
CA GLY A 503 -4.37 24.47 -25.63
C GLY A 503 -4.04 23.70 -26.90
N PRO A 504 -3.47 24.39 -27.91
CA PRO A 504 -3.13 23.72 -29.17
C PRO A 504 -2.00 22.70 -29.03
N SER A 505 -1.54 22.49 -27.81
CA SER A 505 -0.42 21.57 -27.56
C SER A 505 -0.90 20.12 -27.42
N VAL A 506 -2.21 19.92 -27.60
CA VAL A 506 -2.82 18.59 -27.60
C VAL A 506 -3.65 18.44 -28.89
N VAL A 507 -2.97 18.55 -30.03
CA VAL A 507 -3.60 18.45 -31.34
C VAL A 507 -3.95 17.00 -31.66
N GLN A 508 -4.84 16.82 -32.62
CA GLN A 508 -5.24 15.49 -33.00
C GLN A 508 -5.34 15.34 -34.52
N PRO A 509 -4.77 14.26 -35.06
CA PRO A 509 -5.03 13.88 -36.44
C PRO A 509 -6.49 13.43 -36.57
N LYS A 510 -7.25 14.07 -37.45
CA LYS A 510 -8.68 13.79 -37.60
C LYS A 510 -9.05 12.34 -37.27
N GLU A 562 9.80 2.57 -19.59
CA GLU A 562 9.40 2.52 -18.19
C GLU A 562 9.34 3.93 -17.58
N SER A 563 10.51 4.45 -17.21
CA SER A 563 10.62 5.76 -16.58
C SER A 563 10.29 6.88 -17.56
N ALA A 564 10.25 6.55 -18.85
CA ALA A 564 9.83 7.48 -19.88
C ALA A 564 8.31 7.61 -19.84
N LYS A 565 7.73 8.16 -20.90
CA LYS A 565 6.29 8.39 -20.98
C LYS A 565 5.82 9.54 -20.08
N PRO A 566 4.96 10.40 -20.63
CA PRO A 566 4.29 11.51 -19.93
C PRO A 566 3.26 11.05 -18.87
N LYS A 567 3.12 11.83 -17.80
CA LYS A 567 2.15 11.52 -16.75
C LYS A 567 0.80 12.15 -17.10
N LEU A 568 -0.27 11.44 -16.75
CA LEU A 568 -1.59 12.04 -16.73
C LEU A 568 -2.19 11.88 -15.33
N PHE A 569 -2.31 12.99 -14.63
CA PHE A 569 -3.02 13.00 -13.35
C PHE A 569 -4.51 13.28 -13.56
N VAL A 570 -5.37 12.48 -12.95
CA VAL A 570 -6.80 12.79 -12.93
C VAL A 570 -7.25 12.98 -11.49
N PHE A 571 -7.80 14.15 -11.19
CA PHE A 571 -8.36 14.38 -9.86
C PHE A 571 -9.85 14.70 -9.93
N ILE A 572 -10.63 13.91 -9.21
CA ILE A 572 -12.07 14.09 -9.13
C ILE A 572 -12.42 14.65 -7.76
N ASN A 573 -13.20 15.72 -7.71
CA ASN A 573 -13.59 16.27 -6.42
C ASN A 573 -14.46 15.31 -5.61
N GLY A 574 -14.24 15.28 -4.30
CA GLY A 574 -15.06 14.47 -3.42
C GLY A 574 -14.64 13.01 -3.23
N THR A 575 -14.80 12.20 -4.28
CA THR A 575 -14.77 10.73 -4.16
C THR A 575 -14.13 10.09 -5.40
N VAL A 576 -13.40 8.99 -5.21
CA VAL A 576 -12.94 8.18 -6.36
C VAL A 576 -13.33 6.74 -6.13
N SER A 577 -13.63 6.03 -7.21
CA SER A 577 -14.19 4.67 -7.13
C SER A 577 -13.14 3.64 -7.48
N TYR A 578 -13.23 2.44 -6.92
CA TYR A 578 -12.26 1.40 -7.21
C TYR A 578 -12.25 1.00 -8.70
N ASN A 579 -13.39 1.10 -9.37
CA ASN A 579 -13.45 0.82 -10.80
C ASN A 579 -12.77 1.91 -11.64
N GLU A 580 -12.77 3.14 -11.12
CA GLU A 580 -12.09 4.23 -11.81
C GLU A 580 -10.59 4.13 -11.55
N ILE A 581 -10.24 3.63 -10.36
CA ILE A 581 -8.87 3.36 -9.99
C ILE A 581 -8.31 2.27 -10.91
N ARG A 582 -9.06 1.18 -11.07
CA ARG A 582 -8.65 0.11 -11.96
C ARG A 582 -8.36 0.68 -13.34
N CYS A 583 -9.09 1.71 -13.72
CA CYS A 583 -8.98 2.26 -15.07
C CYS A 583 -7.63 2.89 -15.33
N ALA A 584 -7.11 3.58 -14.32
CA ALA A 584 -5.82 4.22 -14.42
C ALA A 584 -4.75 3.17 -14.66
N TYR A 585 -4.92 1.99 -14.05
CA TYR A 585 -3.98 0.90 -14.28
C TYR A 585 -4.18 0.32 -15.68
N GLU A 586 -5.42 0.02 -16.05
CA GLU A 586 -5.66 -0.55 -17.36
C GLU A 586 -5.08 0.34 -18.45
N VAL A 587 -5.22 1.65 -18.28
CA VAL A 587 -4.87 2.61 -19.33
C VAL A 587 -3.37 2.91 -19.37
N SER A 588 -2.71 2.72 -18.25
CA SER A 588 -1.26 2.80 -18.22
C SER A 588 -0.65 1.65 -19.01
N GLN A 589 -1.09 0.43 -18.72
CA GLN A 589 -0.52 -0.75 -19.34
C GLN A 589 -0.98 -0.95 -20.77
N SER A 590 -1.87 -0.09 -21.25
CA SER A 590 -2.36 -0.21 -22.63
C SER A 590 -1.69 0.79 -23.55
N SER A 591 -2.12 2.05 -23.49
CA SER A 591 -1.57 3.04 -24.38
C SER A 591 -0.96 4.26 -23.70
N GLY A 592 0.29 4.53 -24.11
CA GLY A 592 0.82 5.88 -24.21
C GLY A 592 1.30 6.60 -22.97
N TYR A 593 0.37 7.03 -22.12
CA TYR A 593 0.71 7.77 -20.91
C TYR A 593 0.83 6.86 -19.68
N GLU A 594 1.37 7.40 -18.59
CA GLU A 594 1.22 6.82 -17.27
C GLU A 594 0.13 7.62 -16.57
N VAL A 595 -0.88 6.93 -16.06
CA VAL A 595 -2.03 7.60 -15.47
C VAL A 595 -2.02 7.53 -13.93
N TYR A 596 -2.38 8.64 -13.29
CA TYR A 596 -2.55 8.66 -11.84
C TYR A 596 -3.92 9.27 -11.50
N ILE A 597 -4.62 8.63 -10.57
CA ILE A 597 -5.97 9.08 -10.23
C ILE A 597 -6.14 9.35 -8.74
N GLY A 598 -6.93 10.37 -8.41
CA GLY A 598 -7.17 10.73 -7.03
C GLY A 598 -8.37 11.63 -6.73
N ALA A 599 -8.60 11.83 -5.44
CA ALA A 599 -9.80 12.50 -4.95
C ALA A 599 -9.58 12.82 -3.49
N HIS A 600 -10.48 13.58 -2.88
CA HIS A 600 -10.41 13.85 -1.45
C HIS A 600 -10.28 12.53 -0.69
N ASN A 601 -11.02 11.51 -1.12
CA ASN A 601 -10.87 10.21 -0.53
C ASN A 601 -11.37 9.14 -1.48
N ILE A 602 -11.04 7.88 -1.18
CA ILE A 602 -11.67 6.74 -1.85
C ILE A 602 -13.00 6.46 -1.13
N ALA A 603 -14.05 6.27 -1.90
CA ALA A 603 -15.32 5.84 -1.30
C ALA A 603 -15.83 4.61 -2.01
N THR A 604 -16.14 3.57 -1.26
CA THR A 604 -16.94 2.46 -1.79
C THR A 604 -18.37 2.91 -2.13
N PRO A 605 -19.16 2.02 -2.78
CA PRO A 605 -20.56 2.37 -3.08
C PRO A 605 -21.43 2.71 -1.83
N ALA A 606 -21.33 1.90 -0.78
CA ALA A 606 -21.94 2.27 0.50
C ALA A 606 -21.50 3.64 1.01
N GLU A 607 -20.22 3.94 0.94
CA GLU A 607 -19.78 5.20 1.50
C GLU A 607 -20.26 6.40 0.66
N PHE A 608 -20.32 6.19 -0.65
CA PHE A 608 -20.82 7.21 -1.55
C PHE A 608 -22.31 7.50 -1.35
N VAL A 609 -23.09 6.45 -1.10
CA VAL A 609 -24.49 6.61 -0.72
C VAL A 609 -24.68 7.45 0.56
N GLU A 610 -23.83 7.23 1.56
CA GLU A 610 -23.86 7.97 2.83
C GLU A 610 -23.46 9.43 2.64
N LEU A 611 -22.53 9.68 1.73
CA LEU A 611 -22.01 11.00 1.50
C LEU A 611 -23.07 11.83 0.83
N VAL A 612 -23.75 11.24 -0.13
CA VAL A 612 -24.73 11.95 -0.93
C VAL A 612 -25.93 12.26 -0.06
N SER A 613 -26.24 11.35 0.85
CA SER A 613 -27.34 11.56 1.77
C SER A 613 -27.04 12.70 2.76
N LEU A 614 -25.76 13.03 2.92
CA LEU A 614 -25.32 14.06 3.87
C LEU A 614 -25.17 15.47 3.27
N LEU A 615 -25.31 15.58 1.96
CA LEU A 615 -25.08 16.83 1.25
C LEU A 615 -25.92 18.02 1.73
N ASP A 616 -27.03 17.74 2.39
CA ASP A 616 -27.93 18.80 2.85
C ASP A 616 -27.99 18.92 4.37
N LYS A 617 -27.13 18.17 5.05
CA LYS A 617 -27.13 18.13 6.50
C LYS A 617 -25.79 18.66 7.07
N ALA A 618 -24.78 18.72 6.37
N ASP B 2 18.70 26.90 2.85
CA ASP B 2 18.02 28.13 2.47
C ASP B 2 17.20 28.71 3.62
N ARG B 3 16.06 28.10 3.90
CA ARG B 3 15.14 28.64 4.90
C ARG B 3 15.73 28.56 6.31
N LEU B 4 16.87 27.90 6.44
CA LEU B 4 17.58 27.83 7.72
C LEU B 4 18.41 29.08 7.97
N SER B 5 19.08 29.56 6.92
CA SER B 5 19.81 30.82 7.00
C SER B 5 18.86 31.94 7.44
N ARG B 6 17.73 32.04 6.73
CA ARG B 6 16.74 33.09 6.98
C ARG B 6 16.22 33.09 8.41
N LEU B 7 16.27 31.93 9.08
CA LEU B 7 15.82 31.81 10.47
C LEU B 7 16.89 32.32 11.44
N ARG B 8 18.14 31.89 11.22
CA ARG B 8 19.24 32.29 12.09
C ARG B 8 19.57 33.77 11.95
N GLN B 9 19.24 34.35 10.79
CA GLN B 9 19.35 35.78 10.61
C GLN B 9 18.27 36.48 11.43
N MET B 10 17.05 35.95 11.35
CA MET B 10 15.89 36.55 12.01
C MET B 10 15.82 36.22 13.51
N ALA B 11 16.85 35.56 14.03
CA ALA B 11 16.89 35.22 15.45
C ALA B 11 18.07 35.92 16.13
N ALA B 12 19.00 36.41 15.33
CA ALA B 12 20.16 37.14 15.83
C ALA B 12 19.88 38.65 15.89
N GLU B 13 18.70 39.05 15.41
CA GLU B 13 18.25 40.44 15.47
C GLU B 13 17.43 40.68 16.74
N ASN B 14 17.72 39.91 17.78
CA ASN B 14 17.03 40.02 19.06
C ASN B 14 18.04 40.22 20.17
N GLN B 15 19.22 39.64 19.99
CA GLN B 15 20.32 39.74 20.94
C GLN B 15 21.28 40.87 20.57
N PRO B 39 24.36 13.61 29.96
CA PRO B 39 23.18 12.80 29.63
C PRO B 39 23.38 11.34 30.00
N GLU B 40 22.28 10.60 30.18
CA GLU B 40 22.34 9.19 30.56
C GLU B 40 22.31 8.27 29.34
N PRO B 41 22.87 7.05 29.47
CA PRO B 41 22.99 6.10 28.36
C PRO B 41 21.64 5.80 27.68
N PHE B 42 20.78 5.10 28.39
CA PHE B 42 19.48 4.68 27.86
C PHE B 42 19.55 3.38 27.06
N MET B 43 19.32 2.27 27.76
CA MET B 43 19.27 0.95 27.13
C MET B 43 20.54 0.62 26.36
N ALA B 44 21.68 0.91 26.99
CA ALA B 44 22.98 0.72 26.36
C ALA B 44 23.24 -0.72 25.90
N ASP B 45 22.98 -1.69 26.78
CA ASP B 45 23.20 -3.07 26.40
C ASP B 45 22.30 -3.50 25.25
N PHE B 46 21.04 -3.05 25.28
CA PHE B 46 20.09 -3.38 24.22
C PHE B 46 20.53 -2.92 22.83
N PHE B 47 20.81 -1.63 22.67
CA PHE B 47 21.21 -1.13 21.35
C PHE B 47 22.50 -1.80 20.86
N ASN B 48 23.25 -2.34 21.83
CA ASN B 48 24.39 -3.19 21.58
C ASN B 48 24.01 -4.49 20.86
N ARG B 49 23.03 -5.19 21.40
CA ARG B 49 22.60 -6.46 20.81
C ARG B 49 22.09 -6.23 19.39
N VAL B 50 21.30 -5.18 19.18
CA VAL B 50 20.74 -5.03 17.84
C VAL B 50 21.79 -4.58 16.81
N LYS B 51 22.73 -3.73 17.24
CA LYS B 51 23.93 -3.49 16.44
C LYS B 51 24.60 -4.83 16.12
N ARG B 52 24.87 -5.63 17.16
CA ARG B 52 25.45 -6.96 16.98
C ARG B 52 24.67 -7.79 15.96
N ILE B 53 23.33 -7.86 16.14
CA ILE B 53 22.46 -8.63 15.24
C ILE B 53 22.52 -8.09 13.81
N ARG B 54 22.31 -6.77 13.64
CA ARG B 54 22.43 -6.18 12.32
C ARG B 54 23.77 -6.58 11.70
N ASP B 55 24.86 -6.33 12.44
CA ASP B 55 26.21 -6.65 11.97
C ASP B 55 26.42 -8.12 11.62
N ASN B 56 25.99 -9.03 12.49
CA ASN B 56 26.09 -10.45 12.21
C ASN B 56 25.32 -10.82 10.94
N ILE B 57 24.08 -10.31 10.82
CA ILE B 57 23.24 -10.56 9.66
C ILE B 57 23.98 -10.17 8.37
N GLU B 58 24.48 -8.94 8.30
CA GLU B 58 25.29 -8.50 7.17
C GLU B 58 26.48 -9.44 6.91
N ASP B 59 27.19 -9.82 7.98
CA ASP B 59 28.27 -10.80 7.86
C ASP B 59 27.78 -12.07 7.19
N ILE B 60 26.75 -12.68 7.77
CA ILE B 60 26.15 -13.88 7.20
C ILE B 60 25.80 -13.68 5.71
N GLU B 61 25.22 -12.53 5.38
CA GLU B 61 24.83 -12.23 3.99
C GLU B 61 26.01 -12.37 3.03
N GLN B 62 27.16 -11.83 3.41
CA GLN B 62 28.37 -11.91 2.60
C GLN B 62 28.89 -13.35 2.58
N ALA B 63 28.94 -13.96 3.75
CA ALA B 63 29.36 -15.36 3.89
C ALA B 63 28.54 -16.32 3.01
N ILE B 64 27.23 -16.13 2.99
CA ILE B 64 26.35 -16.96 2.18
C ILE B 64 26.75 -16.94 0.70
N GLU B 65 26.99 -15.74 0.17
CA GLU B 65 27.28 -15.58 -1.25
C GLU B 65 28.69 -16.04 -1.60
N GLN B 66 29.45 -16.48 -0.59
CA GLN B 66 30.77 -17.04 -0.80
C GLN B 66 30.70 -18.56 -0.74
N VAL B 67 29.83 -19.07 0.12
CA VAL B 67 29.54 -20.49 0.13
C VAL B 67 28.92 -20.87 -1.21
N ALA B 68 28.26 -19.91 -1.84
CA ALA B 68 27.66 -20.14 -3.16
C ALA B 68 28.74 -20.57 -4.16
N GLN B 69 29.77 -19.73 -4.34
CA GLN B 69 30.86 -20.05 -5.25
C GLN B 69 31.61 -21.32 -4.84
N LEU B 70 32.05 -21.39 -3.59
CA LEU B 70 32.80 -22.54 -3.11
C LEU B 70 32.14 -23.87 -3.45
N HIS B 71 30.82 -23.86 -3.61
CA HIS B 71 30.08 -25.07 -3.94
C HIS B 71 30.13 -25.40 -5.43
N THR B 72 29.74 -24.43 -6.26
CA THR B 72 29.72 -24.62 -7.72
C THR B 72 31.14 -24.70 -8.27
N GLU B 73 32.10 -24.39 -7.42
CA GLU B 73 33.51 -24.44 -7.79
C GLU B 73 34.08 -25.84 -7.55
N SER B 74 33.48 -26.57 -6.62
CA SER B 74 33.88 -27.96 -6.37
C SER B 74 33.34 -28.90 -7.44
N LEU B 75 32.77 -28.32 -8.51
CA LEU B 75 32.43 -29.10 -9.68
C LEU B 75 33.68 -29.26 -10.53
N VAL B 76 33.97 -30.49 -10.94
CA VAL B 76 35.22 -30.86 -11.59
C VAL B 76 36.43 -30.23 -10.85
N ALA B 77 37.16 -29.35 -11.52
CA ALA B 77 38.27 -28.63 -10.91
C ALA B 77 39.42 -29.54 -10.50
N VAL B 78 39.92 -30.33 -11.43
CA VAL B 78 41.11 -31.16 -11.21
C VAL B 78 41.04 -32.01 -9.94
N SER B 79 39.95 -32.76 -9.80
CA SER B 79 39.80 -33.74 -8.72
C SER B 79 40.21 -33.27 -7.32
N LYS B 80 40.93 -34.11 -6.60
CA LYS B 80 41.23 -33.88 -5.18
C LYS B 80 42.31 -32.82 -4.92
N GLU B 81 42.98 -32.40 -5.99
CA GLU B 81 43.97 -31.35 -5.88
C GLU B 81 43.39 -30.14 -5.15
N ASP B 82 42.23 -29.69 -5.63
CA ASP B 82 41.58 -28.50 -5.11
C ASP B 82 40.36 -28.83 -4.24
N ARG B 83 39.79 -30.02 -4.42
CA ARG B 83 38.62 -30.43 -3.63
C ARG B 83 38.85 -30.26 -2.13
N ASP B 84 39.97 -30.77 -1.64
CA ASP B 84 40.31 -30.64 -0.23
C ASP B 84 40.59 -29.18 0.13
N ARG B 85 41.11 -28.43 -0.83
CA ARG B 85 41.41 -27.01 -0.63
C ARG B 85 40.13 -26.20 -0.47
N LEU B 86 39.06 -26.63 -1.14
CA LEU B 86 37.78 -25.95 -1.08
C LEU B 86 36.97 -26.40 0.13
N ASN B 87 36.77 -27.71 0.27
CA ASN B 87 36.05 -28.24 1.42
C ASN B 87 36.61 -27.74 2.74
N GLU B 88 37.78 -27.12 2.70
CA GLU B 88 38.43 -26.56 3.89
C GLU B 88 37.84 -25.18 4.20
N LYS B 89 37.55 -24.42 3.15
CA LYS B 89 36.88 -23.13 3.29
C LYS B 89 35.40 -23.32 3.60
N LEU B 90 34.74 -24.17 2.83
CA LEU B 90 33.31 -24.45 3.01
C LEU B 90 32.95 -24.71 4.46
N GLN B 91 33.53 -25.74 5.05
CA GLN B 91 33.13 -26.11 6.40
C GLN B 91 33.72 -25.14 7.41
N ASP B 92 34.45 -24.15 6.91
CA ASP B 92 35.00 -23.11 7.76
C ASP B 92 34.06 -21.91 7.78
N THR B 93 33.64 -21.47 6.60
CA THR B 93 32.61 -20.43 6.51
C THR B 93 31.28 -20.95 7.04
N MET B 94 30.95 -22.20 6.69
CA MET B 94 29.73 -22.85 7.18
C MET B 94 29.60 -22.81 8.69
N ALA B 95 30.72 -23.05 9.36
CA ALA B 95 30.75 -23.07 10.82
C ALA B 95 30.64 -21.67 11.37
N ARG B 96 31.15 -20.69 10.62
CA ARG B 96 31.02 -19.31 11.05
C ARG B 96 29.59 -18.82 10.89
N ILE B 97 29.02 -19.06 9.72
CA ILE B 97 27.63 -18.72 9.45
C ILE B 97 26.74 -19.32 10.52
N SER B 98 27.12 -20.50 10.97
CA SER B 98 26.41 -21.17 12.05
C SER B 98 26.63 -20.50 13.41
N ALA B 99 27.90 -20.24 13.74
CA ALA B 99 28.24 -19.55 14.99
C ALA B 99 27.61 -18.15 15.08
N LEU B 100 27.59 -17.46 13.94
CA LEU B 100 26.92 -16.17 13.82
C LEU B 100 25.41 -16.33 13.94
N GLY B 101 24.88 -17.37 13.30
CA GLY B 101 23.48 -17.71 13.42
C GLY B 101 23.02 -17.93 14.86
N ASN B 102 23.71 -18.78 15.59
CA ASN B 102 23.34 -19.09 16.97
C ASN B 102 23.40 -17.88 17.90
N LYS B 103 24.34 -16.98 17.65
CA LYS B 103 24.43 -15.78 18.47
C LYS B 103 23.19 -14.93 18.21
N ILE B 104 22.89 -14.70 16.94
CA ILE B 104 21.71 -13.95 16.54
C ILE B 104 20.46 -14.53 17.20
N ARG B 105 20.37 -15.85 17.18
CA ARG B 105 19.20 -16.50 17.76
C ARG B 105 19.15 -16.32 19.27
N ALA B 106 20.31 -16.31 19.91
CA ALA B 106 20.35 -16.17 21.36
C ALA B 106 20.12 -14.72 21.78
N ASP B 107 20.61 -13.79 20.97
CA ASP B 107 20.38 -12.37 21.24
C ASP B 107 18.89 -12.07 21.06
N LEU B 108 18.28 -12.64 20.01
CA LEU B 108 16.83 -12.46 19.82
C LEU B 108 16.04 -13.03 21.00
N LYS B 109 16.22 -14.31 21.30
CA LYS B 109 15.54 -14.94 22.44
C LYS B 109 15.71 -14.12 23.71
N GLN B 110 16.93 -13.65 23.96
CA GLN B 110 17.20 -12.83 25.13
C GLN B 110 16.29 -11.59 25.16
N ILE B 111 16.10 -10.96 23.99
CA ILE B 111 15.28 -9.75 23.92
C ILE B 111 13.80 -10.09 24.09
N GLU B 112 13.40 -11.27 23.60
CA GLU B 112 12.03 -11.75 23.75
C GLU B 112 11.69 -11.86 25.22
N LYS B 113 12.41 -12.71 25.93
CA LYS B 113 12.27 -12.83 27.38
C LYS B 113 12.33 -11.45 28.05
N GLU B 114 13.30 -10.63 27.65
CA GLU B 114 13.43 -9.29 28.19
C GLU B 114 12.13 -8.49 28.02
N ASN B 115 11.53 -8.58 26.83
CA ASN B 115 10.29 -7.87 26.52
C ASN B 115 9.09 -8.47 27.27
N LYS B 116 8.95 -9.79 27.17
CA LYS B 116 7.88 -10.52 27.83
C LYS B 116 7.85 -10.19 29.32
N ARG B 117 9.01 -10.21 29.96
CA ARG B 117 9.13 -9.90 31.38
C ARG B 117 9.14 -8.39 31.61
N ALA B 118 8.45 -7.65 30.76
CA ALA B 118 8.41 -6.20 30.86
C ALA B 118 7.08 -5.62 30.40
N GLN B 119 6.23 -6.48 29.87
CA GLN B 119 4.88 -6.09 29.43
C GLN B 119 4.14 -5.38 30.57
N GLN B 120 3.79 -6.15 31.60
CA GLN B 120 2.96 -5.67 32.71
C GLN B 120 3.51 -4.38 33.33
N GLU B 121 4.81 -4.23 33.30
CA GLU B 121 5.48 -3.08 33.92
C GLU B 121 5.48 -1.88 32.98
N GLY B 122 5.55 -2.16 31.68
CA GLY B 122 5.66 -1.12 30.68
C GLY B 122 4.32 -0.65 30.12
N THR B 123 3.23 -1.15 30.70
CA THR B 123 1.88 -0.70 30.35
C THR B 123 1.21 -0.02 31.55
N PHE B 124 0.80 1.23 31.36
CA PHE B 124 0.22 2.02 32.43
C PHE B 124 -1.28 2.19 32.22
N GLU B 125 -1.94 1.09 31.87
CA GLU B 125 -3.33 1.14 31.45
C GLU B 125 -3.45 2.07 30.26
N ASP B 126 -4.61 2.68 30.10
CA ASP B 126 -4.84 3.63 29.02
C ASP B 126 -4.67 2.95 27.67
N GLY B 127 -4.19 1.70 27.71
CA GLY B 127 -3.88 0.96 26.50
C GLY B 127 -2.49 1.27 25.97
N THR B 128 -1.89 2.34 26.49
CA THR B 128 -0.60 2.84 26.01
C THR B 128 0.55 2.00 26.55
N VAL B 129 1.73 2.16 25.94
CA VAL B 129 2.92 1.44 26.36
C VAL B 129 3.99 2.40 26.87
N SER B 130 5.20 2.30 26.33
CA SER B 130 6.31 3.06 26.86
C SER B 130 7.44 3.04 25.85
N THR B 131 7.92 4.22 25.48
CA THR B 131 8.87 4.36 24.40
C THR B 131 9.96 3.28 24.47
N ASP B 132 10.39 2.93 25.67
CA ASP B 132 11.35 1.84 25.88
C ASP B 132 10.85 0.54 25.24
N LEU B 133 9.69 0.09 25.71
CA LEU B 133 9.12 -1.18 25.26
C LEU B 133 8.65 -1.14 23.80
N ARG B 134 8.15 0.01 23.36
CA ARG B 134 7.77 0.19 21.95
C ARG B 134 8.97 -0.04 21.03
N ILE B 135 10.08 0.65 21.33
CA ILE B 135 11.34 0.50 20.58
C ILE B 135 11.84 -0.93 20.60
N ARG B 136 11.86 -1.53 21.78
CA ARG B 136 12.29 -2.92 21.89
C ARG B 136 11.48 -3.84 20.98
N GLN B 137 10.16 -3.63 20.97
CA GLN B 137 9.26 -4.47 20.19
C GLN B 137 9.41 -4.31 18.68
N SER B 138 9.58 -3.08 18.20
CA SER B 138 9.80 -2.89 16.77
C SER B 138 11.17 -3.39 16.31
N GLN B 139 12.19 -3.22 17.15
CA GLN B 139 13.51 -3.80 16.89
C GLN B 139 13.44 -5.32 16.83
N HIS B 140 12.80 -5.91 17.84
CA HIS B 140 12.73 -7.36 17.95
C HIS B 140 12.03 -7.97 16.73
N SER B 141 10.91 -7.36 16.33
CA SER B 141 10.13 -7.84 15.20
C SER B 141 10.92 -7.71 13.90
N SER B 142 11.33 -6.48 13.60
CA SER B 142 12.03 -6.20 12.36
C SER B 142 13.19 -7.17 12.09
N LEU B 143 14.02 -7.39 13.12
CA LEU B 143 15.24 -8.15 12.95
C LEU B 143 14.99 -9.65 12.82
N SER B 144 14.02 -10.16 13.56
CA SER B 144 13.64 -11.55 13.44
C SER B 144 13.25 -11.85 11.98
N ARG B 145 12.49 -10.93 11.39
CA ARG B 145 12.13 -11.09 9.99
C ARG B 145 13.38 -11.03 9.14
N LYS B 146 14.15 -9.95 9.26
CA LYS B 146 15.40 -9.82 8.50
C LYS B 146 16.23 -11.10 8.62
N PHE B 147 16.29 -11.67 9.82
CA PHE B 147 17.01 -12.92 10.05
C PHE B 147 16.47 -14.15 9.28
N VAL B 148 15.18 -14.45 9.40
CA VAL B 148 14.56 -15.58 8.71
C VAL B 148 14.74 -15.45 7.19
N LYS B 149 14.66 -14.22 6.69
CA LYS B 149 14.81 -13.98 5.26
C LYS B 149 16.23 -14.22 4.77
N VAL B 150 17.24 -13.84 5.58
CA VAL B 150 18.64 -14.09 5.23
C VAL B 150 18.93 -15.56 5.28
N MET B 151 18.47 -16.21 6.33
CA MET B 151 18.73 -17.64 6.48
C MET B 151 18.03 -18.43 5.41
N THR B 152 16.96 -17.87 4.88
CA THR B 152 16.22 -18.57 3.85
C THR B 152 17.06 -18.58 2.59
N ARG B 153 17.85 -17.52 2.40
CA ARG B 153 18.76 -17.46 1.27
C ARG B 153 19.79 -18.56 1.42
N TYR B 154 20.29 -18.73 2.65
CA TYR B 154 21.22 -19.80 2.98
C TYR B 154 20.58 -21.16 2.73
N ASN B 155 19.45 -21.43 3.37
CA ASN B 155 18.73 -22.67 3.16
C ASN B 155 18.54 -23.00 1.68
N ASP B 156 18.36 -21.96 0.87
CA ASP B 156 18.11 -22.15 -0.55
C ASP B 156 19.36 -22.55 -1.32
N VAL B 157 20.50 -21.94 -1.00
CA VAL B 157 21.78 -22.27 -1.66
C VAL B 157 22.30 -23.64 -1.23
N GLN B 158 22.00 -24.05 0.01
CA GLN B 158 22.38 -25.39 0.47
C GLN B 158 21.61 -26.49 -0.25
N ALA B 159 20.29 -26.48 -0.15
CA ALA B 159 19.47 -27.45 -0.86
C ALA B 159 19.66 -27.36 -2.38
N GLU B 160 19.82 -26.15 -2.89
CA GLU B 160 20.08 -25.92 -4.32
C GLU B 160 21.32 -26.69 -4.77
N ASN B 161 22.38 -26.60 -3.97
CA ASN B 161 23.64 -27.28 -4.29
C ASN B 161 23.60 -28.78 -3.98
N LYS B 162 22.86 -29.17 -2.94
CA LYS B 162 22.77 -30.58 -2.55
C LYS B 162 22.02 -31.41 -3.59
N ARG B 163 21.12 -30.75 -4.32
CA ARG B 163 20.35 -31.42 -5.37
C ARG B 163 21.24 -31.72 -6.58
N ARG B 164 22.10 -30.76 -6.93
CA ARG B 164 23.03 -30.95 -8.04
C ARG B 164 24.35 -31.58 -7.58
N TYR B 165 24.56 -31.63 -6.26
CA TYR B 165 25.74 -32.30 -5.67
C TYR B 165 25.46 -33.79 -5.59
N GLY B 166 24.38 -34.20 -6.23
CA GLY B 166 24.02 -35.60 -6.34
C GLY B 166 23.74 -35.92 -7.78
N GLU B 167 23.20 -34.95 -8.51
CA GLU B 167 22.87 -35.11 -9.92
C GLU B 167 24.12 -35.08 -10.80
N ASN B 168 24.70 -33.90 -10.93
CA ASN B 168 25.86 -33.71 -11.80
C ASN B 168 27.21 -34.00 -11.13
N VAL B 169 27.19 -34.81 -10.07
CA VAL B 169 28.43 -35.23 -9.42
C VAL B 169 28.40 -36.66 -8.87
N ALA B 170 27.35 -37.01 -8.13
CA ALA B 170 27.26 -38.35 -7.55
C ALA B 170 26.70 -39.36 -8.55
N ARG B 171 25.57 -39.02 -9.16
CA ARG B 171 24.94 -39.89 -10.15
C ARG B 171 25.76 -39.97 -11.42
N GLN B 172 26.12 -38.81 -11.98
CA GLN B 172 26.92 -38.77 -13.21
C GLN B 172 28.29 -39.41 -13.01
N CYS B 173 28.58 -39.80 -11.76
CA CYS B 173 29.78 -40.56 -11.47
C CYS B 173 29.46 -42.05 -11.58
N ARG B 174 28.65 -42.40 -12.57
CA ARG B 174 28.36 -43.78 -12.87
C ARG B 174 29.22 -44.24 -14.05
N VAL B 175 30.40 -43.66 -14.17
CA VAL B 175 31.38 -44.07 -15.17
C VAL B 175 32.00 -45.40 -14.74
N VAL B 176 31.26 -46.13 -13.89
CA VAL B 176 31.69 -47.43 -13.39
C VAL B 176 30.61 -48.50 -13.64
N GLU B 177 29.35 -48.10 -13.51
CA GLU B 177 28.23 -48.99 -13.79
C GLU B 177 27.38 -48.44 -14.93
N PRO B 178 27.02 -49.31 -15.90
CA PRO B 178 26.17 -48.93 -17.02
C PRO B 178 24.71 -48.69 -16.62
N SER B 179 24.44 -48.75 -15.32
CA SER B 179 23.07 -48.60 -14.80
C SER B 179 22.34 -47.36 -15.36
N LEU B 180 21.16 -47.58 -15.91
CA LEU B 180 20.38 -46.51 -16.55
C LEU B 180 19.74 -45.54 -15.54
N SER B 181 18.41 -45.41 -15.63
CA SER B 181 17.69 -44.40 -14.83
C SER B 181 17.37 -44.85 -13.40
N ASP B 182 16.84 -46.06 -13.26
CA ASP B 182 16.39 -46.56 -11.97
C ASP B 182 17.49 -47.17 -11.10
N ASP B 183 18.41 -47.90 -11.72
CA ASP B 183 19.49 -48.56 -11.00
C ASP B 183 20.59 -47.59 -10.57
N ALA B 184 20.41 -46.31 -10.88
CA ALA B 184 21.35 -45.27 -10.47
C ALA B 184 20.67 -44.31 -9.49
N ILE B 185 19.35 -44.38 -9.44
CA ILE B 185 18.56 -43.59 -8.50
C ILE B 185 18.14 -44.47 -7.31
N GLN B 186 17.98 -45.76 -7.57
CA GLN B 186 17.56 -46.71 -6.54
C GLN B 186 18.77 -47.17 -5.73
N LYS B 187 19.96 -46.88 -6.24
CA LYS B 187 21.20 -47.31 -5.59
C LYS B 187 21.98 -46.15 -4.96
N VAL B 188 22.19 -45.07 -5.72
CA VAL B 188 22.97 -43.94 -5.22
C VAL B 188 22.30 -43.25 -4.02
N ILE B 189 20.96 -43.21 -4.00
CA ILE B 189 20.22 -42.58 -2.90
C ILE B 189 20.49 -43.25 -1.55
N GLU B 190 20.72 -44.55 -1.55
CA GLU B 190 20.85 -45.32 -0.31
C GLU B 190 22.23 -45.23 0.33
N HIS B 191 23.27 -45.44 -0.47
CA HIS B 191 24.64 -45.30 0.02
C HIS B 191 24.90 -43.84 0.39
N GLY B 192 24.44 -42.92 -0.46
CA GLY B 192 24.60 -41.50 -0.25
C GLY B 192 23.34 -40.86 0.29
N ASN B 210 36.89 -43.40 -5.94
CA ASN B 210 37.91 -42.74 -5.12
C ASN B 210 37.40 -41.44 -4.50
N GLU B 211 37.09 -40.45 -5.34
CA GLU B 211 36.60 -39.14 -4.90
C GLU B 211 35.09 -39.14 -4.75
N ILE B 212 34.47 -40.22 -5.24
CA ILE B 212 33.04 -40.39 -5.12
C ILE B 212 32.72 -40.86 -3.70
N ARG B 213 33.76 -41.02 -2.89
CA ARG B 213 33.60 -41.45 -1.50
C ARG B 213 33.48 -40.22 -0.60
N ASP B 214 34.12 -39.13 -1.01
CA ASP B 214 34.11 -37.89 -0.24
C ASP B 214 32.83 -37.09 -0.46
N ARG B 215 32.27 -37.17 -1.67
CA ARG B 215 31.03 -36.45 -1.97
C ARG B 215 29.90 -36.88 -1.03
N HIS B 216 29.96 -38.10 -0.53
CA HIS B 216 28.98 -38.57 0.46
C HIS B 216 29.11 -37.76 1.74
N LYS B 217 30.34 -37.62 2.24
CA LYS B 217 30.61 -36.80 3.41
C LYS B 217 30.20 -35.36 3.15
N ASP B 218 30.15 -34.99 1.87
CA ASP B 218 29.81 -33.63 1.47
C ASP B 218 28.30 -33.43 1.35
N ILE B 219 27.58 -34.50 1.02
CA ILE B 219 26.12 -34.45 0.93
C ILE B 219 25.48 -34.44 2.31
N GLN B 220 25.98 -35.28 3.21
CA GLN B 220 25.42 -35.36 4.55
C GLN B 220 25.77 -34.12 5.38
N GLN B 221 26.73 -33.34 4.91
CA GLN B 221 27.00 -32.03 5.52
C GLN B 221 25.82 -31.11 5.23
N LEU B 222 25.55 -30.89 3.95
CA LEU B 222 24.41 -30.10 3.52
C LEU B 222 23.12 -30.56 4.17
N GLU B 223 23.11 -31.80 4.66
CA GLU B 223 21.91 -32.37 5.27
C GLU B 223 21.73 -31.98 6.73
N ARG B 224 22.81 -31.97 7.50
CA ARG B 224 22.70 -31.50 8.88
C ARG B 224 22.72 -29.97 8.90
N SER B 225 23.05 -29.38 7.76
CA SER B 225 22.88 -27.96 7.57
C SER B 225 21.39 -27.68 7.45
N LEU B 226 20.75 -28.29 6.46
CA LEU B 226 19.30 -28.16 6.26
C LEU B 226 18.52 -28.48 7.53
N LEU B 227 19.04 -29.41 8.32
CA LEU B 227 18.38 -29.78 9.58
C LEU B 227 18.48 -28.70 10.66
N GLU B 228 19.67 -28.13 10.84
CA GLU B 228 19.86 -27.03 11.78
C GLU B 228 18.91 -25.88 11.40
N LEU B 229 18.95 -25.51 10.12
CA LEU B 229 18.09 -24.49 9.57
C LEU B 229 16.61 -24.78 9.84
N HIS B 230 16.15 -25.96 9.43
CA HIS B 230 14.79 -26.40 9.71
C HIS B 230 14.44 -26.22 11.19
N GLU B 231 15.27 -26.78 12.06
CA GLU B 231 15.06 -26.65 13.49
C GLU B 231 14.90 -25.17 13.83
N MET B 232 15.75 -24.34 13.23
CA MET B 232 15.74 -22.92 13.53
C MET B 232 14.45 -22.25 13.04
N PHE B 233 14.19 -22.42 11.74
CA PHE B 233 12.97 -21.89 11.15
C PHE B 233 11.75 -22.29 11.96
N THR B 234 11.78 -23.50 12.52
CA THR B 234 10.62 -23.99 13.26
C THR B 234 10.27 -23.11 14.46
N ASP B 235 11.19 -22.98 15.41
CA ASP B 235 10.91 -22.13 16.57
C ASP B 235 11.01 -20.64 16.25
N MET B 236 11.46 -20.29 15.04
CA MET B 236 11.44 -18.89 14.63
C MET B 236 10.06 -18.51 14.12
N SER B 237 9.37 -19.47 13.50
CA SER B 237 8.03 -19.25 12.99
C SER B 237 7.06 -19.13 14.15
N THR B 238 7.00 -20.15 14.99
CA THR B 238 6.08 -20.10 16.13
C THR B 238 6.44 -18.95 17.08
N LEU B 239 7.59 -18.32 16.83
CA LEU B 239 8.11 -17.25 17.67
C LEU B 239 7.48 -15.92 17.31
N VAL B 240 6.87 -15.87 16.12
CA VAL B 240 6.17 -14.68 15.66
C VAL B 240 4.70 -14.79 16.08
N ALA B 241 4.24 -15.99 16.39
CA ALA B 241 2.92 -16.18 16.95
C ALA B 241 2.81 -15.29 18.18
N SER B 242 1.59 -14.87 18.50
CA SER B 242 1.35 -13.93 19.60
C SER B 242 2.31 -12.73 19.55
N GLN B 243 2.81 -12.45 18.35
CA GLN B 243 3.63 -11.26 18.11
C GLN B 243 3.26 -10.67 16.76
N GLY B 244 3.31 -9.35 16.65
CA GLY B 244 3.10 -8.69 15.38
C GLY B 244 1.75 -8.90 14.71
N GLU B 245 1.81 -9.38 13.46
CA GLU B 245 0.69 -9.39 12.52
C GLU B 245 0.38 -7.96 12.03
N MET B 246 0.71 -6.98 12.86
CA MET B 246 0.31 -5.59 12.67
C MET B 246 1.43 -4.61 13.06
N ILE B 247 2.46 -5.13 13.73
CA ILE B 247 3.55 -4.30 14.26
C ILE B 247 4.40 -3.58 13.20
N ASP B 248 4.53 -4.19 12.02
CA ASP B 248 5.22 -3.53 10.92
C ASP B 248 4.50 -2.29 10.39
N ARG B 249 3.32 -2.01 10.93
CA ARG B 249 2.54 -0.85 10.50
C ARG B 249 2.87 0.34 11.40
N ILE B 250 3.24 1.47 10.79
CA ILE B 250 3.70 2.62 11.57
C ILE B 250 2.57 3.12 12.44
N GLU B 251 1.46 3.45 11.79
CA GLU B 251 0.26 3.90 12.50
C GLU B 251 0.00 3.11 13.77
N PHE B 252 0.25 1.81 13.74
CA PHE B 252 -0.03 0.98 14.90
C PHE B 252 0.89 1.31 16.06
N SER B 253 2.18 1.44 15.79
CA SER B 253 3.14 1.79 16.85
C SER B 253 2.77 3.11 17.53
N VAL B 254 2.71 4.19 16.76
CA VAL B 254 2.45 5.52 17.32
C VAL B 254 1.07 5.72 17.96
N GLU B 255 0.19 4.74 17.81
CA GLU B 255 -1.10 4.75 18.50
C GLU B 255 -0.95 4.34 19.97
N GLN B 256 -0.01 3.44 20.24
CA GLN B 256 0.22 3.00 21.61
C GLN B 256 1.30 3.80 22.36
N SER B 257 1.35 5.11 22.10
CA SER B 257 2.31 6.00 22.74
C SER B 257 1.81 6.48 24.09
N HIS B 258 2.71 6.95 24.94
CA HIS B 258 2.31 7.42 26.28
C HIS B 258 2.32 8.93 26.38
N ASN B 259 2.28 9.43 27.62
CA ASN B 259 2.16 10.86 27.86
C ASN B 259 2.26 11.24 29.33
N TYR B 260 1.92 12.48 29.64
CA TYR B 260 1.74 12.97 31.01
C TYR B 260 3.04 13.14 31.78
N VAL B 261 4.17 13.08 31.10
CA VAL B 261 5.47 13.20 31.74
C VAL B 261 5.73 12.01 32.66
#